data_4RPE
#
_entry.id   4RPE
#
_cell.length_a   84.630
_cell.length_b   96.880
_cell.length_c   87.320
_cell.angle_alpha   90.00
_cell.angle_beta   107.22
_cell.angle_gamma   90.00
#
_symmetry.space_group_name_H-M   'C 1 2 1'
#
loop_
_entity.id
_entity.type
_entity.pdbx_description
1 polymer 'Linoleate 9/13-lipoxygenase'
2 non-polymer 'FE (II) ION'
3 non-polymer '(2R)-3-{[(S)-(2-aminoethoxy)(hydroxy)phosphoryl]oxy}-2-(tetradecanoyloxy)propyl octadecanoate'
4 water water
#
_entity_poly.entity_id   1
_entity_poly.type   'polypeptide(L)'
_entity_poly.pdbx_seq_one_letter_code
;MGSSHHHHHHSSGLVPRGSHMANDSIFFSPLKYLGAEQQRSIDASRSLLDNLIPPSLPQYDNLAGKLARRAVLTSKKLVY
VWTENFANVKGVPMARSVPLGELPNVDWLLKTAGVIVELIVNFVASLPASAAAQFERIAAGLSGDLEAARQVHEALLEEA
KNDPAAAGSLLLRFTELQTRVIALLTRVELLVDDILKSASNLVTQGGQGDGLNRFRAVFGTLRLPEVADSFRDDEAFAYW
RVAGPNPLLIRRVDALPANFPLGEEQFRRVMGADDSLLEAAASRRLYLLDYAELGKLAPSGAVDKLLTGTGFAYAPIALF
ALGKDRAGLLPVAIQCGQDPATHPMFVRPAESESDLYWGWQMAKTVVQVAEENYHEMFVHLAQTHLVSEAFCLATQRTLA
PSHPLHVLLAPHFEGTLFINEGAARILLPSAGFIDVMFAAPIQDTQATAGGNRLGFDFYRGMLPESLKARNVDDPAALPD
YPYRDDGLLVWNAIRQWAADYVAVYYASDGDVTADVELAAWVGEVIGSGKVAGFRPITGRSQLVEVLTMVIFTASAQHAA
VNFPQPSMMTYAPAICAMSAAPAPDSPSGKSEADWLKMMPPTLVALEKVNIYHLLGSVYHGRLGDYRQTGFPYAPVFSDR
RVTASGGPLERFQARLKEVEATIRTRNQARRKPYEYLLPSRIPASTNI
;
_entity_poly.pdbx_strand_id   A
#
loop_
_chem_comp.id
_chem_comp.type
_chem_comp.name
_chem_comp.formula
8PE non-polymer '(2R)-3-{[(S)-(2-aminoethoxy)(hydroxy)phosphoryl]oxy}-2-(tetradecanoyloxy)propyl octadecanoate' 'C37 H74 N O8 P'
FE2 non-polymer 'FE (II) ION' 'Fe 2'
#
# COMPACT_ATOMS: atom_id res chain seq x y z
N SER A 25 21.24 -11.99 43.94
CA SER A 25 21.64 -13.27 43.27
C SER A 25 22.55 -12.97 42.08
N ILE A 26 23.59 -13.78 41.95
CA ILE A 26 24.52 -13.67 40.83
CA ILE A 26 24.54 -13.71 40.84
C ILE A 26 23.83 -13.94 39.47
N PHE A 27 22.86 -14.86 39.45
CA PHE A 27 22.12 -15.29 38.27
C PHE A 27 21.14 -14.22 37.71
N PHE A 28 20.68 -13.30 38.58
CA PHE A 28 19.72 -12.19 38.26
C PHE A 28 20.38 -10.85 37.91
N SER A 29 21.51 -10.57 38.54
CA SER A 29 22.15 -9.23 38.50
C SER A 29 22.30 -8.62 37.08
N PRO A 30 22.71 -9.44 36.07
CA PRO A 30 22.75 -8.86 34.70
C PRO A 30 21.44 -8.24 34.18
N LEU A 31 20.28 -8.72 34.67
CA LEU A 31 18.95 -8.23 34.27
C LEU A 31 18.66 -6.74 34.56
N LYS A 32 19.18 -6.27 35.69
CA LYS A 32 19.12 -4.84 36.08
C LYS A 32 19.55 -3.89 34.97
N TYR A 33 20.71 -4.17 34.39
CA TYR A 33 21.36 -3.20 33.52
C TYR A 33 20.96 -3.43 32.06
N LEU A 34 20.15 -4.41 31.80
CA LEU A 34 19.97 -4.89 30.49
C LEU A 34 18.67 -4.48 29.90
N GLY A 35 18.56 -3.21 29.59
CA GLY A 35 17.36 -2.62 29.06
C GLY A 35 17.18 -2.67 27.57
N ALA A 36 16.09 -2.06 27.09
CA ALA A 36 15.68 -2.21 25.67
C ALA A 36 16.60 -1.46 24.74
N GLU A 37 17.00 -0.28 25.21
CA GLU A 37 17.96 0.50 24.48
C GLU A 37 19.23 -0.32 24.27
N GLN A 38 19.78 -0.93 25.35
CA GLN A 38 21.01 -1.73 25.26
C GLN A 38 20.83 -2.86 24.28
N GLN A 39 19.72 -3.59 24.42
CA GLN A 39 19.37 -4.64 23.43
C GLN A 39 19.21 -4.22 21.98
N ARG A 40 18.57 -3.08 21.67
CA ARG A 40 18.57 -2.58 20.27
C ARG A 40 20.00 -2.35 19.77
N SER A 41 20.85 -1.78 20.63
CA SER A 41 22.21 -1.46 20.21
C SER A 41 23.03 -2.75 20.02
N ILE A 42 22.77 -3.71 20.90
CA ILE A 42 23.34 -5.05 20.80
C ILE A 42 22.88 -5.71 19.48
N ASP A 43 21.56 -5.69 19.29
CA ASP A 43 21.11 -6.36 17.92
CA ASP A 43 21.12 -6.19 18.00
C ASP A 43 21.71 -5.64 16.58
N ALA A 44 21.81 -4.32 16.73
CA ALA A 44 22.36 -3.59 15.58
C ALA A 44 23.82 -4.00 15.30
N SER A 45 24.63 -4.18 16.35
N SER A 45 24.63 -4.17 16.33
CA SER A 45 26.02 -4.61 16.15
CA SER A 45 25.99 -4.62 16.04
C SER A 45 26.12 -6.09 15.74
C SER A 45 26.02 -6.08 15.63
N ARG A 46 25.38 -6.95 16.42
CA ARG A 46 25.20 -8.31 15.89
C ARG A 46 24.81 -8.40 14.43
N SER A 47 23.80 -7.66 14.05
CA SER A 47 23.41 -7.48 12.65
C SER A 47 24.64 -7.33 11.71
N LEU A 48 25.52 -6.38 12.01
CA LEU A 48 26.68 -6.06 11.13
C LEU A 48 27.74 -7.16 11.09
N LEU A 49 27.91 -7.88 12.19
N LEU A 49 27.91 -7.88 12.19
CA LEU A 49 28.85 -8.98 12.21
CA LEU A 49 28.83 -9.00 12.20
C LEU A 49 28.31 -10.13 11.36
C LEU A 49 28.28 -10.14 11.35
N ASP A 50 27.09 -10.55 11.64
CA ASP A 50 26.50 -11.67 10.91
C ASP A 50 26.45 -11.34 9.40
N ASN A 51 26.30 -10.05 9.08
CA ASN A 51 26.56 -9.46 7.74
C ASN A 51 27.84 -9.94 6.99
N LEU A 52 28.88 -10.34 7.72
CA LEU A 52 30.15 -10.76 7.15
C LEU A 52 30.11 -12.16 6.62
N ILE A 53 29.19 -12.97 7.09
CA ILE A 53 29.21 -14.37 6.72
C ILE A 53 28.89 -14.45 5.20
N PRO A 54 29.73 -15.13 4.43
CA PRO A 54 29.38 -15.37 3.01
C PRO A 54 28.11 -16.23 2.89
N PRO A 55 27.06 -15.82 2.10
CA PRO A 55 25.87 -16.67 2.19
C PRO A 55 26.01 -18.00 1.46
N SER A 56 25.28 -18.99 1.91
CA SER A 56 25.32 -20.32 1.30
C SER A 56 23.96 -21.01 1.44
N LEU A 57 23.67 -21.89 0.48
CA LEU A 57 22.57 -22.85 0.63
C LEU A 57 22.99 -23.83 1.74
N PRO A 58 22.03 -24.39 2.48
CA PRO A 58 22.38 -25.21 3.63
C PRO A 58 23.09 -26.48 3.24
N GLN A 59 22.83 -26.99 2.03
CA GLN A 59 23.47 -28.23 1.59
C GLN A 59 24.90 -28.02 1.16
N TYR A 60 25.30 -26.79 0.93
CA TYR A 60 26.68 -26.45 0.59
C TYR A 60 27.49 -25.77 1.69
N ASP A 61 26.89 -25.61 2.84
CA ASP A 61 27.53 -25.15 4.00
C ASP A 61 28.25 -26.28 4.67
N ASN A 62 29.25 -25.94 5.48
CA ASN A 62 29.94 -26.98 6.22
C ASN A 62 29.20 -27.38 7.46
N LEU A 63 29.67 -28.45 8.10
CA LEU A 63 28.99 -29.01 9.24
C LEU A 63 28.75 -27.94 10.26
N ALA A 64 29.77 -27.17 10.59
CA ALA A 64 29.69 -26.14 11.60
C ALA A 64 28.59 -25.09 11.28
N GLY A 65 28.62 -24.65 10.03
CA GLY A 65 27.64 -23.69 9.51
C GLY A 65 26.24 -24.23 9.57
N LYS A 66 26.04 -25.47 9.09
CA LYS A 66 24.73 -26.17 9.27
C LYS A 66 24.20 -26.17 10.75
N LEU A 67 25.09 -26.46 11.70
CA LEU A 67 24.69 -26.48 13.13
C LEU A 67 24.34 -25.04 13.63
N ALA A 68 25.16 -24.06 13.27
CA ALA A 68 24.89 -22.70 13.74
C ALA A 68 23.59 -22.21 13.11
N ARG A 69 23.38 -22.49 11.84
CA ARG A 69 22.14 -21.89 11.26
C ARG A 69 20.89 -22.61 11.80
N ARG A 70 20.97 -23.90 12.12
CA ARG A 70 19.81 -24.49 12.78
C ARG A 70 19.55 -23.94 14.18
N ALA A 71 20.62 -23.62 14.89
CA ALA A 71 20.48 -22.94 16.18
C ALA A 71 19.87 -21.57 16.06
N VAL A 72 20.31 -20.76 15.11
CA VAL A 72 19.78 -19.39 14.93
C VAL A 72 18.28 -19.47 14.58
N LEU A 73 17.93 -20.38 13.66
CA LEU A 73 16.51 -20.58 13.27
C LEU A 73 15.63 -20.98 14.43
N THR A 74 16.12 -21.82 15.35
CA THR A 74 15.36 -22.10 16.58
C THR A 74 15.11 -20.79 17.36
N SER A 75 16.16 -19.98 17.52
N SER A 75 16.15 -19.97 17.51
CA SER A 75 16.11 -18.72 18.25
CA SER A 75 16.06 -18.70 18.25
C SER A 75 15.18 -17.69 17.53
C SER A 75 15.17 -17.67 17.52
N LYS A 76 15.20 -17.68 16.20
CA LYS A 76 14.30 -16.87 15.39
C LYS A 76 12.82 -17.18 15.67
N LYS A 77 12.47 -18.45 15.87
CA LYS A 77 11.05 -18.80 16.14
C LYS A 77 10.59 -18.39 17.54
N LEU A 78 11.51 -18.09 18.43
CA LEU A 78 11.18 -17.45 19.72
C LEU A 78 10.61 -16.08 19.54
N VAL A 79 11.17 -15.33 18.59
CA VAL A 79 11.03 -13.89 18.53
C VAL A 79 9.96 -13.48 17.49
N TYR A 80 9.99 -14.17 16.37
CA TYR A 80 8.98 -14.05 15.28
C TYR A 80 7.93 -15.14 15.52
N VAL A 81 6.75 -14.74 15.99
CA VAL A 81 5.69 -15.70 16.38
C VAL A 81 4.39 -15.45 15.64
N TRP A 82 3.88 -16.45 14.93
CA TRP A 82 2.56 -16.32 14.24
C TRP A 82 1.39 -16.19 15.22
N THR A 83 0.42 -15.38 14.82
CA THR A 83 -0.93 -15.48 15.41
C THR A 83 -1.96 -15.18 14.36
N GLU A 84 -3.13 -15.79 14.52
CA GLU A 84 -4.30 -15.46 13.76
C GLU A 84 -5.39 -14.84 14.64
N ASN A 85 -5.03 -14.36 15.85
CA ASN A 85 -5.98 -13.65 16.71
C ASN A 85 -5.40 -12.30 17.10
N PHE A 86 -4.74 -11.65 16.14
CA PHE A 86 -4.22 -10.32 16.40
C PHE A 86 -5.38 -9.31 16.52
N ALA A 87 -5.25 -8.35 17.44
CA ALA A 87 -6.28 -7.33 17.66
C ALA A 87 -6.78 -6.66 16.41
N ASN A 88 -8.09 -6.65 16.25
CA ASN A 88 -8.76 -6.01 15.15
C ASN A 88 -8.63 -6.66 13.76
N VAL A 89 -7.88 -7.75 13.63
CA VAL A 89 -7.67 -8.41 12.30
C VAL A 89 -7.70 -9.91 12.51
N LYS A 90 -8.71 -10.37 13.22
CA LYS A 90 -8.84 -11.81 13.47
C LYS A 90 -8.87 -12.57 12.20
N GLY A 91 -8.07 -13.65 12.18
CA GLY A 91 -7.99 -14.54 11.05
C GLY A 91 -6.74 -14.30 10.20
N VAL A 92 -6.27 -13.09 10.21
CA VAL A 92 -5.15 -12.77 9.34
C VAL A 92 -3.86 -13.21 10.08
N PRO A 93 -3.01 -14.00 9.41
CA PRO A 93 -1.69 -14.31 9.90
C PRO A 93 -0.89 -13.05 10.17
N MET A 94 -0.53 -12.84 11.41
CA MET A 94 0.26 -11.66 11.85
C MET A 94 1.43 -12.05 12.79
N ALA A 95 2.38 -11.13 13.00
CA ALA A 95 3.37 -11.25 14.08
C ALA A 95 2.68 -10.94 15.41
N ARG A 96 2.87 -11.78 16.39
CA ARG A 96 2.36 -11.51 17.73
C ARG A 96 2.88 -10.16 18.28
N SER A 97 4.14 -9.86 17.96
CA SER A 97 4.76 -8.60 18.27
C SER A 97 5.87 -8.34 17.26
N VAL A 98 6.27 -7.07 17.16
CA VAL A 98 7.39 -6.60 16.33
C VAL A 98 8.68 -6.76 17.14
N PRO A 99 9.55 -7.68 16.71
CA PRO A 99 10.86 -7.76 17.41
C PRO A 99 11.59 -6.39 17.51
N LEU A 100 12.37 -6.18 18.59
CA LEU A 100 13.15 -4.93 18.77
C LEU A 100 13.89 -4.49 17.49
N GLY A 101 14.48 -5.47 16.79
CA GLY A 101 15.24 -5.34 15.53
C GLY A 101 14.49 -4.87 14.32
N GLU A 102 13.16 -4.98 14.40
CA GLU A 102 12.25 -4.70 13.31
C GLU A 102 11.53 -3.38 13.54
N LEU A 103 11.71 -2.78 14.70
CA LEU A 103 11.35 -1.40 14.87
C LEU A 103 12.01 -0.48 13.86
N PRO A 104 11.28 0.55 13.38
CA PRO A 104 11.82 1.36 12.30
C PRO A 104 13.12 2.07 12.78
N ASN A 105 13.99 2.37 11.81
CA ASN A 105 15.24 3.08 12.07
C ASN A 105 14.98 4.57 12.17
N VAL A 106 15.97 5.28 12.70
CA VAL A 106 15.89 6.71 12.85
C VAL A 106 15.46 7.44 11.62
N ASP A 107 15.94 7.03 10.45
CA ASP A 107 15.68 7.76 9.18
C ASP A 107 14.17 7.70 8.87
N TRP A 108 13.57 6.53 9.00
CA TRP A 108 12.13 6.39 8.82
C TRP A 108 11.37 7.16 9.92
N LEU A 109 11.91 6.97 11.09
CA LEU A 109 11.20 7.71 12.09
CA LEU A 109 11.19 7.73 12.10
C LEU A 109 11.04 9.35 12.02
N LEU A 110 12.21 9.87 11.67
CA LEU A 110 12.30 11.34 11.51
C LEU A 110 11.38 11.78 10.41
N LYS A 111 11.41 11.02 9.32
CA LYS A 111 10.62 11.36 8.15
C LYS A 111 9.17 11.37 8.48
N THR A 112 8.71 10.28 9.10
N THR A 112 8.71 10.29 9.10
CA THR A 112 7.29 10.10 9.45
CA THR A 112 7.30 10.12 9.41
C THR A 112 6.82 11.10 10.50
C THR A 112 6.82 11.09 10.49
N ALA A 113 7.60 11.21 11.57
CA ALA A 113 7.36 12.28 12.57
C ALA A 113 7.28 13.61 11.93
N GLY A 114 8.07 13.82 10.90
CA GLY A 114 8.14 15.15 10.25
C GLY A 114 6.84 15.54 9.58
N VAL A 115 6.33 14.57 8.84
CA VAL A 115 5.03 14.71 8.17
C VAL A 115 3.89 14.88 9.11
N ILE A 116 3.83 14.13 10.21
CA ILE A 116 2.72 14.19 11.14
C ILE A 116 2.80 15.53 11.88
N VAL A 117 4.00 16.01 12.22
CA VAL A 117 4.14 17.32 12.90
C VAL A 117 3.71 18.44 11.94
N GLU A 118 4.07 18.34 10.67
CA GLU A 118 3.60 19.30 9.67
C GLU A 118 2.10 19.35 9.63
N LEU A 119 1.49 18.17 9.52
CA LEU A 119 0.01 18.11 9.51
C LEU A 119 -0.63 18.64 10.80
N ILE A 120 -0.01 18.37 11.95
CA ILE A 120 -0.52 18.93 13.20
CA ILE A 120 -0.47 18.92 13.22
C ILE A 120 -0.45 20.46 13.14
N VAL A 121 0.69 21.01 12.69
CA VAL A 121 0.90 22.47 12.62
C VAL A 121 -0.15 23.08 11.70
N ASN A 122 -0.25 22.51 10.50
CA ASN A 122 -1.32 22.91 9.56
C ASN A 122 -2.71 22.97 10.15
N PHE A 123 -3.08 21.96 10.95
CA PHE A 123 -4.41 21.86 11.55
C PHE A 123 -4.67 22.92 12.62
N VAL A 124 -3.72 23.05 13.53
CA VAL A 124 -3.80 24.03 14.65
C VAL A 124 -3.87 25.46 14.07
N ALA A 125 -3.11 25.68 13.02
CA ALA A 125 -3.11 26.98 12.34
C ALA A 125 -4.45 27.32 11.63
N SER A 126 -5.21 26.28 11.29
CA SER A 126 -6.52 26.48 10.68
C SER A 126 -7.64 26.72 11.69
N LEU A 127 -7.36 26.64 13.00
CA LEU A 127 -8.42 26.79 14.03
C LEU A 127 -8.59 28.21 14.48
N PRO A 128 -9.82 28.62 14.84
CA PRO A 128 -9.91 29.92 15.53
C PRO A 128 -9.09 29.96 16.83
N ALA A 129 -8.58 31.15 17.17
CA ALA A 129 -7.62 31.35 18.28
C ALA A 129 -8.06 30.70 19.58
N SER A 130 -9.31 30.93 19.93
CA SER A 130 -9.94 30.31 21.10
C SER A 130 -9.58 28.83 21.17
N ALA A 131 -9.96 28.10 20.10
CA ALA A 131 -9.89 26.63 20.04
C ALA A 131 -8.44 26.16 19.87
N ALA A 132 -7.66 26.91 19.12
CA ALA A 132 -6.24 26.58 18.97
C ALA A 132 -5.51 26.45 20.32
N ALA A 133 -5.96 27.21 21.34
CA ALA A 133 -5.24 27.28 22.63
C ALA A 133 -5.10 25.93 23.26
N GLN A 134 -6.08 25.08 23.02
CA GLN A 134 -5.99 23.66 23.34
C GLN A 134 -4.61 23.04 23.05
N PHE A 135 -4.07 23.38 21.88
CA PHE A 135 -2.97 22.56 21.30
C PHE A 135 -1.71 23.34 20.98
N GLU A 136 -1.76 24.66 20.96
CA GLU A 136 -0.67 25.39 20.31
C GLU A 136 0.71 25.27 20.99
N ARG A 137 0.73 25.18 22.32
CA ARG A 137 2.00 25.04 23.04
C ARG A 137 2.55 23.62 22.85
N ILE A 138 1.70 22.60 22.93
CA ILE A 138 2.12 21.23 22.78
C ILE A 138 2.75 21.07 21.39
N ALA A 139 2.10 21.64 20.40
CA ALA A 139 2.51 21.55 19.01
C ALA A 139 3.87 22.23 18.77
N ALA A 140 4.05 23.49 19.25
CA ALA A 140 5.34 24.16 19.21
C ALA A 140 6.52 23.40 19.75
N GLY A 141 6.31 22.79 20.91
CA GLY A 141 7.29 21.90 21.52
C GLY A 141 7.55 20.62 20.75
N LEU A 142 6.52 20.02 20.14
CA LEU A 142 6.78 18.85 19.28
C LEU A 142 7.66 19.22 18.08
N SER A 143 7.34 20.36 17.46
CA SER A 143 8.05 20.86 16.30
C SER A 143 9.49 21.23 16.64
N GLY A 144 9.73 21.85 17.80
CA GLY A 144 11.09 22.18 18.28
C GLY A 144 11.94 20.98 18.68
N ASP A 145 11.31 19.98 19.30
CA ASP A 145 11.99 18.71 19.65
C ASP A 145 12.38 17.90 18.41
N LEU A 146 11.52 17.90 17.39
N LEU A 146 11.49 17.89 17.41
CA LEU A 146 11.85 17.25 16.10
CA LEU A 146 11.77 17.29 16.10
C LEU A 146 13.04 17.93 15.45
C LEU A 146 13.00 17.92 15.48
N GLU A 147 13.03 19.24 15.54
CA GLU A 147 14.10 20.03 14.98
C GLU A 147 15.41 19.69 15.73
N ALA A 148 15.36 19.58 17.06
CA ALA A 148 16.54 19.20 17.87
C ALA A 148 17.05 17.80 17.51
N ALA A 149 16.13 16.85 17.35
CA ALA A 149 16.52 15.51 16.88
C ALA A 149 17.15 15.43 15.45
N ARG A 150 16.55 16.14 14.49
CA ARG A 150 17.09 16.21 13.10
C ARG A 150 18.53 16.75 13.14
N GLN A 151 18.76 17.80 13.94
CA GLN A 151 20.10 18.43 14.12
C GLN A 151 21.10 17.46 14.75
N VAL A 152 20.62 16.66 15.71
CA VAL A 152 21.44 15.59 16.28
C VAL A 152 21.87 14.63 15.13
N HIS A 153 20.88 14.12 14.38
CA HIS A 153 21.18 13.18 13.28
C HIS A 153 22.20 13.76 12.29
N GLU A 154 22.01 15.03 11.96
N GLU A 154 22.03 15.03 11.95
CA GLU A 154 22.90 15.72 11.03
CA GLU A 154 22.93 15.64 10.98
C GLU A 154 24.36 15.71 11.54
C GLU A 154 24.37 15.71 11.53
N ALA A 155 24.51 16.07 12.79
CA ALA A 155 25.83 16.19 13.40
C ALA A 155 26.47 14.82 13.58
N LEU A 156 25.66 13.82 13.88
CA LEU A 156 26.17 12.45 13.91
C LEU A 156 26.67 12.02 12.54
N LEU A 157 25.97 12.44 11.49
CA LEU A 157 26.36 12.02 10.14
C LEU A 157 27.58 12.80 9.68
N GLU A 158 27.78 13.98 10.27
CA GLU A 158 29.02 14.77 10.00
C GLU A 158 30.28 14.22 10.68
N GLU A 159 30.18 13.66 11.90
CA GLU A 159 31.35 13.09 12.58
C GLU A 159 31.81 11.78 11.95
N ALA A 160 30.87 11.01 11.40
CA ALA A 160 31.19 9.75 10.71
C ALA A 160 32.03 10.04 9.48
N LYS A 161 31.57 10.98 8.66
CA LYS A 161 32.39 11.52 7.55
C LYS A 161 33.81 12.01 7.94
N ASN A 162 33.90 12.75 9.02
CA ASN A 162 35.20 13.33 9.42
C ASN A 162 36.20 12.29 9.97
N ASP A 163 35.72 11.09 10.25
CA ASP A 163 36.49 10.02 10.85
C ASP A 163 35.81 8.65 10.66
N PRO A 164 35.69 8.21 9.42
CA PRO A 164 34.95 6.98 9.05
C PRO A 164 35.48 5.68 9.68
N ALA A 165 36.76 5.63 10.02
CA ALA A 165 37.31 4.49 10.77
C ALA A 165 36.71 4.37 12.18
N ALA A 166 36.32 5.49 12.78
CA ALA A 166 35.59 5.47 14.06
C ALA A 166 34.07 5.31 13.91
N ALA A 167 33.59 5.15 12.68
CA ALA A 167 32.16 5.15 12.36
C ALA A 167 31.33 4.11 13.10
N GLY A 168 31.93 2.96 13.37
CA GLY A 168 31.22 1.83 13.95
C GLY A 168 30.95 2.07 15.42
N SER A 169 31.71 2.99 15.99
N SER A 169 31.72 2.97 15.99
CA SER A 169 31.57 3.33 17.41
CA SER A 169 31.59 3.32 17.40
C SER A 169 30.63 4.50 17.65
C SER A 169 30.41 4.29 17.59
N LEU A 170 30.09 5.07 16.56
CA LEU A 170 28.96 6.02 16.62
C LEU A 170 27.57 5.36 16.57
N LEU A 171 27.47 4.16 16.03
CA LEU A 171 26.17 3.44 15.99
C LEU A 171 25.37 3.50 17.30
N LEU A 172 26.04 3.42 18.44
CA LEU A 172 25.32 3.53 19.74
C LEU A 172 24.60 4.89 19.94
N ARG A 173 25.22 6.00 19.53
CA ARG A 173 24.50 7.27 19.59
C ARG A 173 23.35 7.35 18.58
N PHE A 174 23.48 6.67 17.46
CA PHE A 174 22.31 6.45 16.56
C PHE A 174 21.17 5.66 17.20
N THR A 175 21.49 4.62 17.95
CA THR A 175 20.49 3.95 18.76
C THR A 175 19.89 4.84 19.87
N GLU A 176 20.74 5.71 20.45
CA GLU A 176 20.27 6.69 21.40
C GLU A 176 19.39 7.73 20.77
N LEU A 177 19.75 8.14 19.56
CA LEU A 177 18.82 8.97 18.84
C LEU A 177 17.46 8.25 18.54
N GLN A 178 17.54 6.98 18.20
CA GLN A 178 16.35 6.19 17.96
C GLN A 178 15.43 6.24 19.15
N THR A 179 15.96 6.06 20.38
CA THR A 179 15.14 6.09 21.60
C THR A 179 14.43 7.45 21.76
N ARG A 180 15.15 8.52 21.42
CA ARG A 180 14.64 9.88 21.55
C ARG A 180 13.50 10.17 20.57
N VAL A 181 13.60 9.66 19.33
CA VAL A 181 12.54 9.86 18.34
C VAL A 181 11.28 8.98 18.66
N ILE A 182 11.51 7.78 19.16
N ILE A 182 11.51 7.78 19.17
CA ILE A 182 10.39 6.94 19.58
CA ILE A 182 10.40 6.94 19.58
C ILE A 182 9.57 7.71 20.64
C ILE A 182 9.58 7.66 20.66
N ALA A 183 10.27 8.32 21.60
CA ALA A 183 9.61 9.06 22.67
C ALA A 183 8.89 10.33 22.15
N LEU A 184 9.54 11.02 21.23
CA LEU A 184 8.88 12.04 20.39
C LEU A 184 7.54 11.54 19.78
N LEU A 185 7.59 10.45 19.06
CA LEU A 185 6.38 9.89 18.47
C LEU A 185 5.33 9.45 19.52
N THR A 186 5.73 8.94 20.69
CA THR A 186 4.72 8.64 21.67
C THR A 186 4.03 9.95 22.12
N ARG A 187 4.76 11.04 22.19
CA ARG A 187 4.16 12.33 22.60
C ARG A 187 3.26 12.83 21.47
N VAL A 188 3.78 12.74 20.24
CA VAL A 188 3.00 13.04 19.01
C VAL A 188 1.64 12.30 19.05
N GLU A 189 1.66 11.03 19.45
N GLU A 189 1.62 11.03 19.45
CA GLU A 189 0.42 10.22 19.57
CA GLU A 189 0.33 10.31 19.50
C GLU A 189 -0.61 10.87 20.51
C GLU A 189 -0.66 10.80 20.57
N LEU A 190 -0.16 11.35 21.67
CA LEU A 190 -1.04 11.85 22.73
C LEU A 190 -1.80 13.07 22.24
N LEU A 191 -1.09 13.91 21.49
CA LEU A 191 -1.70 15.08 20.84
C LEU A 191 -2.70 14.71 19.74
N VAL A 192 -2.33 13.80 18.86
CA VAL A 192 -3.24 13.40 17.78
C VAL A 192 -4.53 12.89 18.44
N ASP A 193 -4.45 12.09 19.51
CA ASP A 193 -5.67 11.56 20.16
C ASP A 193 -6.55 12.65 20.71
N ASP A 194 -5.93 13.65 21.32
CA ASP A 194 -6.61 14.77 21.91
C ASP A 194 -7.26 15.60 20.80
N ILE A 195 -6.53 15.87 19.73
CA ILE A 195 -7.12 16.57 18.57
C ILE A 195 -8.32 15.78 18.03
N LEU A 196 -8.18 14.46 17.88
CA LEU A 196 -9.23 13.70 17.20
C LEU A 196 -10.38 13.31 18.16
N LYS A 197 -10.14 13.38 19.46
CA LYS A 197 -11.21 13.25 20.47
C LYS A 197 -12.18 14.44 20.33
N SER A 198 -11.63 15.57 19.89
CA SER A 198 -12.29 16.86 19.88
C SER A 198 -12.73 17.33 18.51
N ALA A 199 -12.34 16.59 17.47
CA ALA A 199 -12.52 17.00 16.09
C ALA A 199 -13.98 17.12 15.73
N SER A 200 -14.81 16.22 16.23
CA SER A 200 -16.22 16.23 15.84
C SER A 200 -16.82 17.56 16.25
N ASN A 201 -16.37 18.04 17.40
CA ASN A 201 -16.81 19.33 17.93
C ASN A 201 -16.05 20.53 17.37
N LEU A 202 -14.83 20.29 16.92
CA LEU A 202 -13.97 21.35 16.37
C LEU A 202 -14.25 21.73 14.90
N VAL A 203 -14.82 20.81 14.11
CA VAL A 203 -15.02 20.99 12.67
C VAL A 203 -16.19 21.93 12.33
N THR A 204 -16.03 22.71 11.26
CA THR A 204 -16.92 23.82 10.91
C THR A 204 -17.27 23.78 9.41
N GLY A 211 -22.12 24.48 -0.03
CA GLY A 211 -21.54 23.70 -1.11
C GLY A 211 -20.34 22.92 -0.62
N LEU A 212 -19.30 22.91 -1.46
CA LEU A 212 -18.04 22.20 -1.21
C LEU A 212 -17.01 22.99 -0.40
N ASN A 213 -17.35 24.17 0.11
CA ASN A 213 -16.44 24.99 0.98
C ASN A 213 -15.68 24.22 2.10
N ARG A 214 -16.43 23.45 2.88
CA ARG A 214 -15.85 22.65 3.92
C ARG A 214 -14.84 21.64 3.41
N PHE A 215 -14.92 21.22 2.14
CA PHE A 215 -14.03 20.19 1.65
C PHE A 215 -12.61 20.76 1.26
N ARG A 216 -12.58 22.06 0.95
CA ARG A 216 -11.35 22.79 0.74
C ARG A 216 -10.71 23.27 2.04
N ALA A 217 -11.55 23.69 2.99
CA ALA A 217 -11.11 24.22 4.32
C ALA A 217 -10.31 23.19 5.09
N VAL A 218 -10.65 21.91 4.93
CA VAL A 218 -9.92 20.88 5.69
C VAL A 218 -8.44 20.75 5.36
N PHE A 219 -8.08 21.21 4.18
CA PHE A 219 -6.68 21.16 3.72
C PHE A 219 -5.78 22.19 4.48
N GLY A 220 -6.42 23.21 5.03
CA GLY A 220 -5.73 24.39 5.59
C GLY A 220 -4.83 25.00 4.54
N THR A 221 -3.52 25.03 4.79
CA THR A 221 -2.50 25.50 3.82
C THR A 221 -2.04 24.50 2.76
N LEU A 222 -2.39 23.23 2.93
CA LEU A 222 -2.07 22.23 1.94
C LEU A 222 -2.76 22.57 0.62
N ARG A 223 -1.95 22.52 -0.43
CA ARG A 223 -2.42 22.65 -1.82
C ARG A 223 -3.42 21.53 -2.13
N LEU A 224 -4.56 21.92 -2.71
CA LEU A 224 -5.58 20.94 -3.07
C LEU A 224 -5.06 20.21 -4.29
N PRO A 225 -5.28 18.88 -4.34
CA PRO A 225 -4.93 18.07 -5.51
C PRO A 225 -5.63 18.53 -6.82
N GLU A 226 -4.97 18.26 -7.95
CA GLU A 226 -5.52 18.61 -9.27
C GLU A 226 -6.85 17.91 -9.53
N VAL A 227 -7.05 16.70 -8.96
CA VAL A 227 -8.39 16.04 -9.05
C VAL A 227 -9.55 16.92 -8.60
N ALA A 228 -9.32 17.92 -7.74
CA ALA A 228 -10.40 18.78 -7.29
C ALA A 228 -10.89 19.68 -8.43
N ASP A 229 -10.10 19.87 -9.47
CA ASP A 229 -10.54 20.75 -10.57
C ASP A 229 -11.17 19.93 -11.74
N SER A 230 -10.93 18.64 -11.82
CA SER A 230 -11.50 17.91 -12.97
C SER A 230 -12.26 16.61 -12.68
N PHE A 231 -12.57 16.37 -11.41
CA PHE A 231 -13.20 15.14 -11.00
C PHE A 231 -14.57 14.94 -11.66
N ARG A 232 -15.26 16.02 -12.09
CA ARG A 232 -16.51 15.83 -12.83
C ARG A 232 -16.41 15.35 -14.31
N ASP A 233 -15.21 15.41 -14.88
CA ASP A 233 -15.01 15.06 -16.28
C ASP A 233 -15.22 13.58 -16.54
N ASP A 234 -16.05 13.22 -17.55
CA ASP A 234 -16.36 11.79 -17.76
C ASP A 234 -15.11 10.99 -18.20
N GLU A 235 -14.27 11.53 -19.07
CA GLU A 235 -13.06 10.74 -19.51
C GLU A 235 -12.02 10.59 -18.40
N ALA A 236 -11.93 11.58 -17.50
CA ALA A 236 -11.11 11.48 -16.27
C ALA A 236 -11.58 10.38 -15.36
N PHE A 237 -12.88 10.33 -15.16
CA PHE A 237 -13.50 9.22 -14.44
C PHE A 237 -13.19 7.88 -15.06
N ALA A 238 -13.20 7.70 -16.37
CA ALA A 238 -12.81 6.39 -16.95
C ALA A 238 -11.34 6.08 -16.72
N TYR A 239 -10.52 7.12 -16.77
CA TYR A 239 -9.07 6.99 -16.70
C TYR A 239 -8.57 6.44 -15.34
N TRP A 240 -9.31 6.67 -14.27
CA TRP A 240 -9.10 6.01 -13.00
C TRP A 240 -8.98 4.51 -13.12
N ARG A 241 -9.69 3.95 -14.09
CA ARG A 241 -9.78 2.48 -14.24
C ARG A 241 -8.45 1.89 -14.68
N VAL A 242 -7.63 2.68 -15.36
CA VAL A 242 -6.39 2.22 -15.88
C VAL A 242 -5.15 2.94 -15.27
N ALA A 243 -5.33 4.10 -14.60
CA ALA A 243 -4.14 4.85 -14.10
C ALA A 243 -4.37 5.39 -12.69
N GLY A 244 -5.47 4.95 -12.07
CA GLY A 244 -5.77 5.40 -10.68
C GLY A 244 -5.18 4.42 -9.68
N PRO A 245 -5.49 4.61 -8.41
CA PRO A 245 -5.05 3.78 -7.32
C PRO A 245 -5.44 2.31 -7.47
N ASN A 246 -6.58 1.99 -8.12
CA ASN A 246 -6.98 0.57 -8.30
C ASN A 246 -6.98 0.26 -9.79
N PRO A 247 -5.81 -0.09 -10.36
CA PRO A 247 -5.89 -0.49 -11.76
C PRO A 247 -6.18 -2.00 -11.98
N LEU A 248 -6.64 -2.72 -10.98
CA LEU A 248 -6.71 -4.13 -11.02
C LEU A 248 -8.10 -4.74 -11.35
N LEU A 249 -9.14 -3.96 -11.18
CA LEU A 249 -10.50 -4.53 -11.21
C LEU A 249 -11.03 -4.57 -12.62
N ILE A 250 -10.74 -3.57 -13.45
CA ILE A 250 -11.21 -3.46 -14.83
C ILE A 250 -10.91 -4.73 -15.59
N ARG A 251 -11.88 -5.21 -16.35
CA ARG A 251 -11.69 -6.39 -17.16
C ARG A 251 -12.44 -6.31 -18.49
N ARG A 252 -11.98 -7.06 -19.46
CA ARG A 252 -12.71 -7.16 -20.76
C ARG A 252 -13.98 -7.96 -20.58
N VAL A 253 -15.06 -7.53 -21.23
CA VAL A 253 -16.30 -8.30 -21.17
C VAL A 253 -16.70 -8.64 -22.61
N ASP A 254 -17.11 -9.87 -22.79
CA ASP A 254 -17.42 -10.32 -24.16
C ASP A 254 -18.93 -10.43 -24.34
N ALA A 255 -19.61 -11.02 -23.37
CA ALA A 255 -21.10 -11.05 -23.32
C ALA A 255 -21.51 -10.44 -21.97
N LEU A 256 -22.27 -9.39 -21.97
CA LEU A 256 -22.81 -8.86 -20.73
C LEU A 256 -23.65 -9.87 -19.94
N PRO A 257 -23.54 -9.86 -18.61
CA PRO A 257 -24.30 -10.79 -17.79
C PRO A 257 -25.75 -10.34 -17.72
N ALA A 258 -26.64 -11.25 -17.34
CA ALA A 258 -28.03 -10.96 -17.15
C ALA A 258 -28.28 -9.83 -16.21
N ASN A 259 -27.53 -9.76 -15.12
CA ASN A 259 -27.75 -8.71 -14.10
C ASN A 259 -27.27 -7.32 -14.53
N PHE A 260 -26.78 -7.20 -15.76
CA PHE A 260 -26.44 -5.84 -16.29
C PHE A 260 -27.13 -5.61 -17.68
N PRO A 261 -28.43 -5.24 -17.61
CA PRO A 261 -29.27 -5.33 -18.78
C PRO A 261 -29.12 -4.12 -19.69
N LEU A 262 -27.91 -3.91 -20.18
CA LEU A 262 -27.76 -2.79 -21.09
C LEU A 262 -28.04 -3.35 -22.47
N GLY A 263 -28.87 -2.65 -23.22
CA GLY A 263 -29.26 -3.08 -24.59
C GLY A 263 -28.69 -2.15 -25.66
N GLU A 264 -28.88 -2.56 -26.90
CA GLU A 264 -28.25 -1.87 -28.09
C GLU A 264 -28.66 -0.42 -28.30
N GLU A 265 -29.93 -0.13 -28.07
CA GLU A 265 -30.41 1.26 -28.18
C GLU A 265 -29.74 2.22 -27.19
N GLN A 266 -29.53 1.75 -25.97
CA GLN A 266 -28.84 2.55 -24.95
C GLN A 266 -27.34 2.72 -25.33
N PHE A 267 -26.69 1.61 -25.73
CA PHE A 267 -25.31 1.65 -26.17
C PHE A 267 -25.15 2.63 -27.34
N ARG A 268 -26.02 2.47 -28.33
CA ARG A 268 -25.89 3.34 -29.50
C ARG A 268 -26.14 4.79 -29.15
N ARG A 269 -27.04 5.03 -28.20
CA ARG A 269 -27.22 6.42 -27.71
C ARG A 269 -25.91 7.08 -27.18
N VAL A 270 -25.06 6.31 -26.50
CA VAL A 270 -23.79 6.81 -26.02
C VAL A 270 -22.73 6.83 -27.11
N MET A 271 -22.65 5.71 -27.82
CA MET A 271 -21.48 5.38 -28.69
C MET A 271 -21.68 5.69 -30.19
N GLY A 272 -22.89 6.06 -30.57
CA GLY A 272 -23.26 6.36 -31.98
C GLY A 272 -23.94 5.19 -32.65
N ALA A 273 -24.78 5.52 -33.62
CA ALA A 273 -25.69 4.58 -34.27
C ALA A 273 -24.91 3.65 -35.16
N ASP A 274 -23.70 4.09 -35.54
CA ASP A 274 -22.79 3.26 -36.32
C ASP A 274 -22.05 2.25 -35.47
N ASP A 275 -22.29 2.23 -34.16
CA ASP A 275 -21.67 1.28 -33.28
C ASP A 275 -22.69 0.30 -32.70
N SER A 276 -22.22 -0.72 -32.00
CA SER A 276 -23.16 -1.65 -31.35
C SER A 276 -22.46 -2.48 -30.31
N LEU A 277 -23.21 -2.97 -29.32
CA LEU A 277 -22.65 -3.89 -28.34
C LEU A 277 -21.97 -5.05 -29.04
N LEU A 278 -22.67 -5.64 -30.02
CA LEU A 278 -22.19 -6.81 -30.72
C LEU A 278 -20.83 -6.57 -31.36
N GLU A 279 -20.65 -5.46 -32.07
CA GLU A 279 -19.34 -5.24 -32.69
C GLU A 279 -18.27 -4.78 -31.72
N ALA A 280 -18.70 -4.04 -30.70
CA ALA A 280 -17.80 -3.59 -29.64
C ALA A 280 -17.23 -4.77 -28.86
N ALA A 281 -18.08 -5.76 -28.57
CA ALA A 281 -17.71 -7.02 -27.91
C ALA A 281 -16.65 -7.73 -28.69
N ALA A 282 -16.93 -7.86 -29.98
CA ALA A 282 -16.16 -8.70 -30.86
C ALA A 282 -14.79 -8.05 -31.13
N SER A 283 -14.75 -6.74 -31.24
CA SER A 283 -13.49 -6.02 -31.39
C SER A 283 -12.78 -5.65 -30.07
N ARG A 284 -13.13 -6.29 -28.96
CA ARG A 284 -12.44 -6.10 -27.71
C ARG A 284 -12.44 -4.64 -27.27
N ARG A 285 -13.57 -3.99 -27.39
CA ARG A 285 -13.75 -2.64 -26.96
C ARG A 285 -14.64 -2.43 -25.73
N LEU A 286 -15.14 -3.53 -25.13
CA LEU A 286 -15.95 -3.48 -23.92
C LEU A 286 -15.20 -3.90 -22.64
N TYR A 287 -15.31 -3.05 -21.61
CA TYR A 287 -14.63 -3.29 -20.32
C TYR A 287 -15.54 -3.04 -19.13
N LEU A 288 -15.66 -4.05 -18.27
CA LEU A 288 -16.59 -4.01 -17.13
C LEU A 288 -15.86 -3.82 -15.83
N LEU A 289 -16.47 -3.03 -15.01
CA LEU A 289 -16.02 -2.74 -13.64
C LEU A 289 -17.12 -3.23 -12.69
N ASP A 290 -16.92 -4.35 -11.99
CA ASP A 290 -18.02 -5.01 -11.23
C ASP A 290 -17.51 -5.22 -9.81
N TYR A 291 -18.15 -4.58 -8.82
CA TYR A 291 -17.73 -4.63 -7.44
C TYR A 291 -18.40 -5.71 -6.60
N ALA A 292 -18.90 -6.78 -7.24
CA ALA A 292 -19.64 -7.84 -6.52
C ALA A 292 -18.81 -8.35 -5.33
N GLU A 293 -17.47 -8.43 -5.49
CA GLU A 293 -16.64 -9.00 -4.39
C GLU A 293 -16.51 -8.19 -3.06
N LEU A 294 -17.05 -6.97 -3.05
CA LEU A 294 -17.05 -6.15 -1.86
C LEU A 294 -17.82 -6.80 -0.69
N GLY A 295 -18.81 -7.65 -1.01
CA GLY A 295 -19.62 -8.28 0.08
C GLY A 295 -20.10 -7.27 1.14
N LYS A 296 -19.78 -7.50 2.41
CA LYS A 296 -20.27 -6.61 3.49
C LYS A 296 -19.65 -5.21 3.52
N LEU A 297 -18.60 -4.98 2.69
CA LEU A 297 -18.16 -3.64 2.46
C LEU A 297 -19.17 -2.77 1.71
N ALA A 298 -20.22 -3.36 1.15
CA ALA A 298 -21.29 -2.62 0.52
C ALA A 298 -22.58 -3.02 1.26
N PRO A 299 -22.85 -2.36 2.40
CA PRO A 299 -24.04 -2.66 3.18
C PRO A 299 -25.26 -2.58 2.28
N SER A 300 -26.22 -3.47 2.56
CA SER A 300 -27.39 -3.57 1.67
C SER A 300 -28.17 -2.27 1.77
N GLY A 301 -28.00 -1.53 2.87
CA GLY A 301 -28.68 -0.28 3.08
C GLY A 301 -28.03 0.67 4.07
N ALA A 302 -28.84 1.52 4.71
CA ALA A 302 -28.25 2.52 5.63
C ALA A 302 -27.50 1.90 6.83
N VAL A 303 -26.39 2.53 7.21
N VAL A 303 -26.41 2.54 7.23
CA VAL A 303 -25.63 2.15 8.37
CA VAL A 303 -25.67 2.13 8.39
C VAL A 303 -25.47 3.41 9.19
C VAL A 303 -25.45 3.38 9.22
N ASP A 304 -26.22 3.47 10.30
CA ASP A 304 -26.23 4.61 11.16
C ASP A 304 -25.17 4.46 12.20
N LYS A 305 -24.32 5.47 12.28
CA LYS A 305 -23.29 5.53 13.29
C LYS A 305 -23.41 6.83 14.05
N LEU A 306 -23.19 6.72 15.35
CA LEU A 306 -23.13 7.86 16.26
C LEU A 306 -22.21 8.97 15.69
N LEU A 307 -20.93 8.63 15.44
CA LEU A 307 -19.86 9.61 15.16
C LEU A 307 -20.00 10.23 13.81
N THR A 308 -20.58 9.50 12.87
CA THR A 308 -20.64 10.00 11.49
C THR A 308 -22.01 10.08 10.86
N GLY A 309 -23.07 9.88 11.65
CA GLY A 309 -24.41 9.82 11.07
C GLY A 309 -24.69 8.65 10.14
N THR A 310 -25.60 8.87 9.20
CA THR A 310 -26.06 7.78 8.34
C THR A 310 -25.18 7.66 7.15
N GLY A 311 -24.60 6.46 6.97
CA GLY A 311 -23.66 6.22 5.83
C GLY A 311 -24.09 5.08 4.90
N PHE A 312 -23.63 5.13 3.65
CA PHE A 312 -24.01 4.15 2.63
C PHE A 312 -22.75 3.79 1.88
N ALA A 313 -22.78 2.61 1.26
CA ALA A 313 -21.72 2.26 0.30
C ALA A 313 -22.35 1.14 -0.53
N TYR A 314 -21.69 0.77 -1.61
CA TYR A 314 -22.32 0.21 -2.79
C TYR A 314 -21.47 -0.84 -3.50
N ALA A 315 -22.14 -1.78 -4.21
CA ALA A 315 -21.50 -2.75 -5.02
C ALA A 315 -22.00 -2.64 -6.49
N PRO A 316 -21.72 -1.52 -7.15
CA PRO A 316 -22.15 -1.22 -8.54
C PRO A 316 -21.44 -2.00 -9.64
N ILE A 317 -21.93 -1.80 -10.85
CA ILE A 317 -21.42 -2.41 -12.07
C ILE A 317 -21.44 -1.24 -13.03
N ALA A 318 -20.27 -0.98 -13.64
CA ALA A 318 -20.09 0.06 -14.66
C ALA A 318 -19.47 -0.47 -15.95
N LEU A 319 -20.03 -0.02 -17.08
CA LEU A 319 -19.51 -0.38 -18.38
C LEU A 319 -18.75 0.78 -19.00
N PHE A 320 -17.58 0.45 -19.52
CA PHE A 320 -16.73 1.39 -20.26
C PHE A 320 -16.51 0.84 -21.65
N ALA A 321 -16.23 1.71 -22.61
CA ALA A 321 -15.97 1.29 -23.99
C ALA A 321 -14.94 2.19 -24.61
N LEU A 322 -14.27 1.61 -25.60
N LEU A 322 -14.14 1.59 -25.50
CA LEU A 322 -13.39 2.31 -26.48
CA LEU A 322 -13.33 2.32 -26.46
C LEU A 322 -14.15 2.60 -27.76
C LEU A 322 -14.12 2.60 -27.72
N GLY A 323 -13.96 3.81 -28.26
CA GLY A 323 -14.34 4.08 -29.63
C GLY A 323 -13.48 3.31 -30.63
N LYS A 324 -13.93 3.39 -31.88
CA LYS A 324 -13.34 2.53 -32.90
C LYS A 324 -11.87 2.80 -33.10
N ASP A 325 -11.50 4.05 -32.88
CA ASP A 325 -10.10 4.46 -32.96
C ASP A 325 -9.35 4.15 -31.68
N ARG A 326 -10.08 3.81 -30.61
CA ARG A 326 -9.46 3.51 -29.32
C ARG A 326 -8.62 4.70 -28.87
N ALA A 327 -9.13 5.92 -29.01
CA ALA A 327 -8.43 7.12 -28.49
C ALA A 327 -8.37 7.19 -26.95
N GLY A 328 -9.24 6.41 -26.28
CA GLY A 328 -9.48 6.52 -24.86
C GLY A 328 -10.79 5.88 -24.41
N LEU A 329 -10.78 5.40 -23.20
CA LEU A 329 -11.95 4.82 -22.55
C LEU A 329 -12.98 5.83 -22.15
N LEU A 330 -14.24 5.47 -22.37
CA LEU A 330 -15.36 6.35 -22.05
C LEU A 330 -16.34 5.60 -21.12
N PRO A 331 -16.95 6.30 -20.17
CA PRO A 331 -18.00 5.62 -19.46
C PRO A 331 -19.27 5.52 -20.31
N VAL A 332 -19.95 4.35 -20.29
CA VAL A 332 -21.14 4.13 -21.06
C VAL A 332 -22.37 4.02 -20.14
N ALA A 333 -22.32 3.19 -19.09
CA ALA A 333 -23.47 3.05 -18.20
C ALA A 333 -23.06 2.51 -16.79
N ILE A 334 -23.89 2.85 -15.80
CA ILE A 334 -23.70 2.54 -14.40
C ILE A 334 -25.00 2.11 -13.78
N GLN A 335 -24.95 0.95 -13.14
CA GLN A 335 -26.02 0.35 -12.35
C GLN A 335 -25.44 0.33 -10.92
N CYS A 336 -26.17 0.99 -9.99
CA CYS A 336 -25.62 1.27 -8.66
C CYS A 336 -25.66 0.14 -7.69
N GLY A 337 -26.04 -1.05 -8.15
CA GLY A 337 -25.96 -2.24 -7.35
C GLY A 337 -26.05 -3.42 -8.25
N GLN A 338 -26.04 -4.62 -7.66
CA GLN A 338 -26.00 -5.90 -8.38
C GLN A 338 -27.32 -6.40 -9.02
N ASP A 339 -28.47 -6.01 -8.45
CA ASP A 339 -29.81 -6.46 -8.86
C ASP A 339 -30.49 -5.36 -9.73
N PRO A 340 -30.62 -5.60 -11.03
CA PRO A 340 -31.24 -4.60 -11.91
C PRO A 340 -32.70 -4.36 -11.58
N ALA A 341 -33.33 -5.34 -10.92
CA ALA A 341 -34.79 -5.23 -10.59
C ALA A 341 -34.96 -4.15 -9.51
N THR A 342 -33.88 -3.81 -8.84
CA THR A 342 -33.92 -2.81 -7.77
C THR A 342 -32.95 -1.65 -7.95
N HIS A 343 -32.14 -1.71 -9.01
CA HIS A 343 -31.24 -0.60 -9.38
C HIS A 343 -31.37 -0.25 -10.85
N PRO A 344 -31.88 0.97 -11.16
CA PRO A 344 -32.13 1.36 -12.55
C PRO A 344 -30.80 1.55 -13.30
N MET A 345 -30.88 1.57 -14.64
CA MET A 345 -29.69 1.72 -15.48
C MET A 345 -29.46 3.16 -15.80
N PHE A 346 -28.25 3.67 -15.48
CA PHE A 346 -27.87 5.07 -15.70
C PHE A 346 -26.93 5.13 -16.91
N VAL A 347 -27.28 5.96 -17.90
CA VAL A 347 -26.54 5.96 -19.15
C VAL A 347 -25.85 7.31 -19.27
N ARG A 348 -24.61 7.31 -19.80
CA ARG A 348 -23.94 8.56 -20.08
C ARG A 348 -24.82 9.59 -20.81
N PRO A 349 -25.06 10.76 -20.18
CA PRO A 349 -25.90 11.77 -20.89
C PRO A 349 -25.12 12.65 -21.81
N ALA A 350 -25.81 13.17 -22.82
CA ALA A 350 -25.28 14.25 -23.67
C ALA A 350 -25.27 15.56 -22.92
N GLU A 351 -24.35 16.46 -23.32
N GLU A 351 -24.37 16.46 -23.33
CA GLU A 351 -24.30 17.86 -22.80
CA GLU A 351 -24.26 17.78 -22.76
C GLU A 351 -25.68 18.47 -22.68
C GLU A 351 -25.62 18.53 -22.73
N SER A 352 -26.45 18.28 -23.74
CA SER A 352 -27.79 18.85 -23.83
C SER A 352 -28.75 18.32 -22.78
N GLU A 353 -28.52 17.11 -22.33
CA GLU A 353 -29.51 16.47 -21.43
C GLU A 353 -29.39 16.92 -19.96
N SER A 354 -29.77 18.17 -19.68
CA SER A 354 -29.67 18.71 -18.31
C SER A 354 -30.46 17.91 -17.28
N ASP A 355 -31.55 17.29 -17.71
CA ASP A 355 -32.40 16.58 -16.76
C ASP A 355 -31.76 15.24 -16.33
N LEU A 356 -30.65 14.87 -16.97
CA LEU A 356 -29.98 13.60 -16.61
C LEU A 356 -28.64 13.87 -15.95
N TYR A 357 -28.20 15.13 -16.01
CA TYR A 357 -26.87 15.52 -15.54
C TYR A 357 -26.55 15.01 -14.17
N TRP A 358 -27.42 15.32 -13.18
CA TRP A 358 -27.09 15.13 -11.74
C TRP A 358 -27.22 13.71 -11.36
N GLY A 359 -28.19 13.00 -11.98
CA GLY A 359 -28.37 11.53 -11.73
C GLY A 359 -27.06 10.82 -12.09
N TRP A 360 -26.49 11.22 -13.22
CA TRP A 360 -25.23 10.68 -13.66
C TRP A 360 -24.04 11.06 -12.72
N GLN A 361 -23.94 12.29 -12.22
CA GLN A 361 -22.90 12.62 -11.29
C GLN A 361 -23.07 11.74 -10.02
N MET A 362 -24.35 11.50 -9.62
CA MET A 362 -24.61 10.59 -8.48
C MET A 362 -24.17 9.16 -8.72
N ALA A 363 -24.40 8.66 -9.95
CA ALA A 363 -24.03 7.29 -10.29
C ALA A 363 -22.47 7.14 -10.31
N LYS A 364 -21.79 8.16 -10.77
CA LYS A 364 -20.30 8.14 -10.79
C LYS A 364 -19.81 8.15 -9.38
N THR A 365 -20.39 9.00 -8.53
CA THR A 365 -20.03 9.08 -7.11
C THR A 365 -20.19 7.71 -6.47
N VAL A 366 -21.31 7.07 -6.75
CA VAL A 366 -21.51 5.68 -6.33
C VAL A 366 -20.31 4.77 -6.66
N VAL A 367 -19.85 4.82 -7.92
CA VAL A 367 -18.74 4.02 -8.31
C VAL A 367 -17.48 4.39 -7.55
N GLN A 368 -17.26 5.69 -7.31
CA GLN A 368 -16.09 6.09 -6.58
C GLN A 368 -16.11 5.73 -5.05
N VAL A 369 -17.33 5.56 -4.53
CA VAL A 369 -17.48 5.15 -3.15
C VAL A 369 -17.10 3.67 -3.06
N ALA A 370 -17.55 2.90 -4.06
CA ALA A 370 -17.16 1.49 -4.16
C ALA A 370 -15.65 1.38 -4.29
N GLU A 371 -15.10 2.28 -5.10
CA GLU A 371 -13.67 2.27 -5.39
C GLU A 371 -12.78 2.46 -4.16
N GLU A 372 -13.06 3.48 -3.33
CA GLU A 372 -12.23 3.63 -2.15
C GLU A 372 -12.24 2.40 -1.26
N ASN A 373 -13.45 1.82 -1.14
CA ASN A 373 -13.60 0.56 -0.36
C ASN A 373 -12.78 -0.57 -0.94
N TYR A 374 -12.92 -0.77 -2.23
CA TYR A 374 -12.20 -1.87 -2.92
C TYR A 374 -10.67 -1.65 -2.86
N HIS A 375 -10.31 -0.46 -3.28
CA HIS A 375 -8.91 -0.10 -3.31
C HIS A 375 -8.25 -0.25 -1.93
N GLU A 376 -8.70 0.45 -0.89
CA GLU A 376 -7.99 0.52 0.33
C GLU A 376 -8.02 -0.85 1.06
N MET A 377 -9.19 -1.47 1.14
CA MET A 377 -9.31 -2.77 1.88
C MET A 377 -8.72 -3.96 1.17
N PHE A 378 -8.93 -4.04 -0.14
CA PHE A 378 -8.50 -5.23 -0.91
C PHE A 378 -7.13 -5.04 -1.61
N VAL A 379 -7.06 -4.02 -2.47
CA VAL A 379 -5.89 -3.81 -3.27
C VAL A 379 -4.71 -3.35 -2.48
N HIS A 380 -4.93 -2.41 -1.52
CA HIS A 380 -3.86 -1.85 -0.73
C HIS A 380 -3.59 -2.70 0.53
N LEU A 381 -4.52 -2.70 1.45
CA LEU A 381 -4.30 -3.44 2.72
CA LEU A 381 -4.32 -3.43 2.71
C LEU A 381 -4.15 -4.96 2.57
N ALA A 382 -5.09 -5.60 1.91
CA ALA A 382 -5.13 -7.07 1.89
C ALA A 382 -4.07 -7.69 1.00
N GLN A 383 -3.84 -7.08 -0.16
CA GLN A 383 -3.02 -7.69 -1.17
C GLN A 383 -1.58 -7.23 -1.25
N THR A 384 -1.24 -6.18 -0.53
CA THR A 384 0.15 -5.75 -0.41
C THR A 384 0.58 -6.01 1.06
N HIS A 385 0.21 -5.08 1.91
CA HIS A 385 0.56 -5.05 3.32
C HIS A 385 0.44 -6.45 3.90
N LEU A 386 -0.78 -6.97 3.84
CA LEU A 386 -1.03 -8.20 4.58
C LEU A 386 -0.46 -9.43 3.86
N VAL A 387 -0.20 -9.36 2.58
CA VAL A 387 0.59 -10.49 1.96
C VAL A 387 2.09 -10.44 2.37
N SER A 388 2.70 -9.25 2.26
CA SER A 388 4.11 -9.10 2.69
C SER A 388 4.37 -9.48 4.16
N GLU A 389 3.34 -9.30 5.03
CA GLU A 389 3.43 -9.75 6.43
C GLU A 389 3.86 -11.22 6.53
N ALA A 390 3.25 -12.07 5.69
CA ALA A 390 3.33 -13.48 5.82
C ALA A 390 4.74 -13.88 5.26
N PHE A 391 5.13 -13.36 4.10
CA PHE A 391 6.46 -13.59 3.54
C PHE A 391 7.58 -13.12 4.46
N CYS A 392 7.40 -11.98 5.16
CA CYS A 392 8.31 -11.57 6.19
C CYS A 392 8.52 -12.58 7.35
N LEU A 393 7.42 -12.98 7.96
CA LEU A 393 7.45 -13.98 9.03
C LEU A 393 8.07 -15.32 8.59
N ALA A 394 7.74 -15.75 7.39
CA ALA A 394 8.22 -17.08 6.95
C ALA A 394 9.76 -16.96 6.73
N THR A 395 10.17 -15.87 6.10
CA THR A 395 11.61 -15.67 5.79
C THR A 395 12.45 -15.64 7.05
N GLN A 396 12.03 -14.85 8.02
CA GLN A 396 12.82 -14.73 9.23
C GLN A 396 12.86 -16.04 10.00
N ARG A 397 11.78 -16.81 9.97
CA ARG A 397 11.66 -18.07 10.75
C ARG A 397 12.34 -19.34 10.15
N THR A 398 12.55 -19.37 8.84
CA THR A 398 12.95 -20.58 8.13
C THR A 398 14.20 -20.48 7.20
N LEU A 399 14.50 -19.27 6.67
CA LEU A 399 15.68 -19.03 5.92
C LEU A 399 16.73 -18.38 6.83
N ALA A 400 17.89 -19.05 6.98
CA ALA A 400 18.90 -18.59 7.92
C ALA A 400 19.37 -17.21 7.45
N PRO A 401 19.88 -16.42 8.37
CA PRO A 401 20.43 -15.12 7.94
C PRO A 401 21.47 -15.23 6.88
N SER A 402 22.23 -16.31 6.85
CA SER A 402 23.21 -16.48 5.81
C SER A 402 22.67 -17.27 4.60
N HIS A 403 21.37 -17.54 4.53
CA HIS A 403 20.78 -18.07 3.29
C HIS A 403 20.77 -16.95 2.25
N PRO A 404 21.26 -17.18 0.99
CA PRO A 404 21.19 -16.15 -0.04
C PRO A 404 19.80 -15.52 -0.25
N LEU A 405 18.78 -16.30 -0.15
CA LEU A 405 17.39 -15.77 -0.29
C LEU A 405 16.94 -14.91 0.88
N HIS A 406 17.44 -15.16 2.07
CA HIS A 406 17.21 -14.23 3.21
C HIS A 406 17.86 -12.91 2.94
N VAL A 407 19.15 -12.99 2.56
CA VAL A 407 19.87 -11.79 2.21
C VAL A 407 19.18 -10.96 1.17
N LEU A 408 18.71 -11.62 0.10
CA LEU A 408 17.95 -10.93 -0.97
C LEU A 408 16.62 -10.31 -0.45
N LEU A 409 15.89 -11.07 0.32
CA LEU A 409 14.46 -10.69 0.58
C LEU A 409 14.30 -9.74 1.73
N ALA A 410 15.18 -9.88 2.72
CA ALA A 410 15.04 -9.10 3.95
C ALA A 410 14.88 -7.59 3.73
N PRO A 411 15.65 -6.99 2.82
CA PRO A 411 15.43 -5.52 2.59
C PRO A 411 14.02 -5.17 2.14
N HIS A 412 13.40 -6.13 1.45
CA HIS A 412 12.06 -5.89 0.91
C HIS A 412 10.99 -6.03 1.98
N PHE A 413 11.36 -6.42 3.20
CA PHE A 413 10.40 -6.45 4.31
C PHE A 413 10.66 -5.38 5.34
N GLU A 414 11.61 -4.45 5.11
CA GLU A 414 11.98 -3.51 6.18
C GLU A 414 10.75 -2.65 6.55
N GLY A 415 10.42 -2.58 7.85
CA GLY A 415 9.29 -1.84 8.36
C GLY A 415 7.92 -2.46 8.10
N THR A 416 7.86 -3.62 7.44
CA THR A 416 6.58 -4.21 7.16
C THR A 416 5.80 -4.68 8.43
N LEU A 417 6.46 -5.42 9.33
CA LEU A 417 5.80 -5.83 10.56
C LEU A 417 5.30 -4.59 11.36
N PHE A 418 6.12 -3.55 11.48
CA PHE A 418 5.78 -2.34 12.26
C PHE A 418 4.57 -1.64 11.67
N ILE A 419 4.58 -1.34 10.33
CA ILE A 419 3.45 -0.67 9.71
C ILE A 419 2.17 -1.46 9.79
N ASN A 420 2.24 -2.80 9.73
CA ASN A 420 0.99 -3.52 9.76
C ASN A 420 0.40 -3.65 11.15
N GLU A 421 1.23 -3.79 12.16
CA GLU A 421 0.76 -3.68 13.54
C GLU A 421 0.16 -2.29 13.76
N GLY A 422 0.78 -1.27 13.11
CA GLY A 422 0.13 0.09 13.10
C GLY A 422 -1.28 0.11 12.55
N ALA A 423 -1.42 -0.50 11.38
CA ALA A 423 -2.72 -0.64 10.76
C ALA A 423 -3.71 -1.26 11.72
N ALA A 424 -3.39 -2.42 12.21
CA ALA A 424 -4.34 -3.16 13.10
C ALA A 424 -4.74 -2.43 14.37
N ARG A 425 -3.75 -1.86 15.06
CA ARG A 425 -3.97 -1.20 16.33
C ARG A 425 -4.54 0.18 16.25
N ILE A 426 -4.04 0.94 15.30
CA ILE A 426 -4.30 2.38 15.26
CA ILE A 426 -4.30 2.37 15.25
C ILE A 426 -5.47 2.64 14.32
N LEU A 427 -5.46 2.00 13.14
CA LEU A 427 -6.49 2.31 12.13
C LEU A 427 -7.78 1.49 12.18
N LEU A 428 -7.72 0.30 12.70
CA LEU A 428 -8.89 -0.60 12.70
C LEU A 428 -9.82 -0.79 13.96
N PRO A 429 -9.51 -0.18 15.12
CA PRO A 429 -10.47 -0.35 16.22
C PRO A 429 -11.74 0.54 16.07
N SER A 430 -12.74 0.31 16.94
CA SER A 430 -13.90 1.19 17.02
C SER A 430 -13.44 2.65 17.06
N ALA A 431 -14.19 3.48 16.33
CA ALA A 431 -14.01 4.90 16.24
C ALA A 431 -12.68 5.36 15.67
N GLY A 432 -11.94 4.45 15.06
CA GLY A 432 -10.70 4.81 14.44
C GLY A 432 -10.94 5.29 13.01
N PHE A 433 -9.85 5.56 12.31
CA PHE A 433 -9.93 6.18 10.94
C PHE A 433 -10.81 5.40 9.99
N ILE A 434 -10.70 4.07 10.02
CA ILE A 434 -11.42 3.21 9.08
C ILE A 434 -12.91 3.18 9.41
N ASP A 435 -13.24 3.16 10.72
CA ASP A 435 -14.63 3.21 11.14
C ASP A 435 -15.28 4.51 10.74
N VAL A 436 -14.51 5.58 10.88
CA VAL A 436 -14.94 6.91 10.50
C VAL A 436 -15.08 6.96 8.97
N MET A 437 -14.06 6.52 8.24
CA MET A 437 -14.00 6.78 6.77
C MET A 437 -14.70 5.82 5.83
N PHE A 438 -15.06 4.62 6.29
CA PHE A 438 -15.62 3.53 5.43
C PHE A 438 -16.96 3.22 6.02
N ALA A 439 -17.95 3.21 5.18
CA ALA A 439 -19.38 3.19 5.66
C ALA A 439 -19.72 1.91 6.49
N ALA A 440 -19.15 0.79 6.14
CA ALA A 440 -19.46 -0.49 6.86
C ALA A 440 -19.25 -0.43 8.39
N PRO A 441 -20.04 -1.23 9.11
CA PRO A 441 -19.70 -1.49 10.55
C PRO A 441 -18.23 -1.97 10.63
N ILE A 442 -17.53 -1.54 11.67
CA ILE A 442 -16.07 -1.78 11.68
C ILE A 442 -15.78 -3.28 11.72
N GLN A 443 -16.61 -4.08 12.40
N GLN A 443 -16.58 -4.09 12.40
CA GLN A 443 -16.51 -5.56 12.40
CA GLN A 443 -16.31 -5.52 12.40
C GLN A 443 -16.53 -6.13 11.01
C GLN A 443 -16.60 -6.23 11.07
N ASP A 444 -17.49 -5.67 10.22
CA ASP A 444 -17.67 -6.13 8.86
C ASP A 444 -16.44 -5.76 7.98
N THR A 445 -15.99 -4.52 8.10
CA THR A 445 -14.78 -4.11 7.36
CA THR A 445 -14.75 -4.08 7.40
C THR A 445 -13.61 -5.00 7.72
N GLN A 446 -13.39 -5.27 9.01
CA GLN A 446 -12.23 -6.13 9.45
C GLN A 446 -12.38 -7.54 8.87
N ALA A 447 -13.60 -8.08 8.94
CA ALA A 447 -13.86 -9.46 8.45
C ALA A 447 -13.77 -9.54 6.97
N THR A 448 -14.07 -8.46 6.23
CA THR A 448 -14.15 -8.58 4.77
C THR A 448 -12.74 -8.39 4.21
N ALA A 449 -12.02 -7.42 4.78
CA ALA A 449 -10.56 -7.22 4.48
C ALA A 449 -9.79 -8.48 4.70
N GLY A 450 -9.90 -9.08 5.89
CA GLY A 450 -9.18 -10.32 6.13
C GLY A 450 -9.62 -11.47 5.19
N GLY A 451 -10.92 -11.62 4.91
CA GLY A 451 -11.38 -12.63 4.00
C GLY A 451 -10.73 -12.51 2.62
N ASN A 452 -10.61 -11.29 2.11
CA ASN A 452 -10.00 -11.04 0.78
C ASN A 452 -8.51 -11.42 0.80
N ARG A 453 -7.83 -11.14 1.88
CA ARG A 453 -6.46 -11.61 2.05
C ARG A 453 -6.38 -13.15 2.00
N LEU A 454 -7.20 -13.83 2.74
CA LEU A 454 -7.16 -15.28 2.73
C LEU A 454 -7.51 -15.92 1.41
N GLY A 455 -8.34 -15.28 0.57
CA GLY A 455 -8.72 -15.87 -0.69
C GLY A 455 -7.75 -15.45 -1.80
N PHE A 456 -6.80 -14.53 -1.50
CA PHE A 456 -5.97 -13.96 -2.55
C PHE A 456 -4.95 -14.99 -3.02
N ASP A 457 -5.04 -15.34 -4.30
CA ASP A 457 -4.18 -16.41 -4.88
C ASP A 457 -2.84 -15.83 -5.38
N PHE A 458 -1.74 -16.37 -4.86
CA PHE A 458 -0.41 -15.89 -5.08
C PHE A 458 -0.08 -15.92 -6.55
N TYR A 459 -0.46 -17.02 -7.27
CA TYR A 459 -0.11 -17.14 -8.68
C TYR A 459 -1.03 -16.36 -9.56
N ARG A 460 -2.33 -16.34 -9.23
CA ARG A 460 -3.25 -15.60 -10.05
C ARG A 460 -2.99 -14.13 -9.85
N GLY A 461 -2.45 -13.78 -8.69
CA GLY A 461 -2.26 -12.37 -8.37
C GLY A 461 -0.98 -11.78 -9.01
N MET A 462 -0.24 -12.61 -9.73
CA MET A 462 0.97 -12.15 -10.43
C MET A 462 0.56 -11.23 -11.57
N LEU A 463 1.25 -10.07 -11.69
CA LEU A 463 0.95 -9.13 -12.73
C LEU A 463 0.59 -9.72 -14.12
N PRO A 464 1.47 -10.52 -14.70
CA PRO A 464 1.17 -11.05 -16.02
C PRO A 464 -0.10 -11.93 -16.02
N GLU A 465 -0.25 -12.70 -14.96
CA GLU A 465 -1.39 -13.57 -14.79
C GLU A 465 -2.67 -12.76 -14.65
N SER A 466 -2.62 -11.62 -13.91
CA SER A 466 -3.80 -10.73 -13.75
C SER A 466 -4.27 -10.09 -15.10
N LEU A 467 -3.29 -9.62 -15.87
CA LEU A 467 -3.54 -9.01 -17.10
C LEU A 467 -4.08 -10.04 -18.08
N LYS A 468 -3.58 -11.27 -18.06
CA LYS A 468 -4.15 -12.31 -18.95
C LYS A 468 -5.55 -12.68 -18.58
N ALA A 469 -5.77 -12.93 -17.31
CA ALA A 469 -7.07 -13.42 -16.79
C ALA A 469 -8.18 -12.41 -16.99
N ARG A 470 -7.83 -11.16 -16.93
CA ARG A 470 -8.85 -10.09 -17.21
C ARG A 470 -8.82 -9.69 -18.72
N ASN A 471 -7.96 -10.30 -19.57
CA ASN A 471 -7.92 -9.93 -20.98
C ASN A 471 -7.69 -8.43 -21.22
N VAL A 472 -6.70 -7.86 -20.50
CA VAL A 472 -6.31 -6.42 -20.60
C VAL A 472 -4.78 -6.35 -20.88
N ASP A 473 -4.26 -7.47 -21.39
CA ASP A 473 -2.79 -7.70 -21.58
C ASP A 473 -2.30 -7.25 -22.95
N ASP A 474 -3.20 -6.95 -23.87
CA ASP A 474 -2.78 -6.71 -25.29
C ASP A 474 -2.89 -5.22 -25.61
N PRO A 475 -1.76 -4.53 -25.75
CA PRO A 475 -1.89 -3.08 -25.97
C PRO A 475 -2.53 -2.65 -27.29
N ALA A 476 -2.71 -3.60 -28.22
CA ALA A 476 -3.41 -3.26 -29.45
C ALA A 476 -4.92 -3.21 -29.22
N ALA A 477 -5.40 -3.97 -28.23
CA ALA A 477 -6.83 -3.87 -27.83
C ALA A 477 -7.11 -2.69 -26.89
N LEU A 478 -6.28 -2.56 -25.87
CA LEU A 478 -6.43 -1.48 -24.85
C LEU A 478 -5.13 -0.72 -24.77
N PRO A 479 -4.98 0.33 -25.57
CA PRO A 479 -3.63 0.90 -25.70
C PRO A 479 -3.19 1.70 -24.50
N ASP A 480 -4.05 2.53 -23.98
CA ASP A 480 -3.68 3.40 -22.89
C ASP A 480 -3.98 2.72 -21.51
N TYR A 481 -2.99 2.06 -20.96
CA TYR A 481 -3.15 1.40 -19.66
C TYR A 481 -1.78 1.55 -18.98
N PRO A 482 -1.52 2.72 -18.30
CA PRO A 482 -0.15 2.97 -17.78
C PRO A 482 0.36 1.98 -16.70
N TYR A 483 -0.50 1.59 -15.78
CA TYR A 483 -0.13 0.54 -14.80
C TYR A 483 0.38 -0.74 -15.49
N ARG A 484 -0.32 -1.21 -16.52
CA ARG A 484 0.11 -2.42 -17.22
C ARG A 484 1.47 -2.16 -17.84
N ASP A 485 1.58 -1.16 -18.68
CA ASP A 485 2.83 -1.01 -19.44
C ASP A 485 4.05 -0.58 -18.59
N ASP A 486 3.83 0.26 -17.57
CA ASP A 486 4.89 0.68 -16.71
C ASP A 486 5.20 -0.46 -15.70
N GLY A 487 4.16 -1.13 -15.18
CA GLY A 487 4.33 -2.27 -14.29
C GLY A 487 5.05 -3.44 -14.95
N LEU A 488 4.83 -3.70 -16.27
CA LEU A 488 5.56 -4.78 -16.92
C LEU A 488 7.07 -4.48 -17.01
N LEU A 489 7.38 -3.21 -17.24
CA LEU A 489 8.82 -2.81 -17.22
C LEU A 489 9.52 -3.16 -15.92
N VAL A 490 8.84 -2.88 -14.83
CA VAL A 490 9.38 -3.11 -13.49
C VAL A 490 9.37 -4.60 -13.16
N TRP A 491 8.20 -5.25 -13.41
CA TRP A 491 8.08 -6.74 -13.25
C TRP A 491 9.23 -7.46 -14.00
N ASN A 492 9.39 -7.18 -15.27
CA ASN A 492 10.42 -7.87 -16.07
C ASN A 492 11.87 -7.58 -15.62
N ALA A 493 12.12 -6.36 -15.16
CA ALA A 493 13.41 -5.97 -14.57
C ALA A 493 13.72 -6.75 -13.29
N ILE A 494 12.75 -6.86 -12.39
CA ILE A 494 12.90 -7.68 -11.17
C ILE A 494 13.06 -9.15 -11.56
N ARG A 495 12.31 -9.60 -12.53
N ARG A 495 12.31 -9.61 -12.53
CA ARG A 495 12.34 -11.00 -12.91
CA ARG A 495 12.38 -11.01 -12.92
C ARG A 495 13.75 -11.39 -13.40
C ARG A 495 13.80 -11.36 -13.34
N GLN A 496 14.41 -10.52 -14.19
CA GLN A 496 15.82 -10.82 -14.66
C GLN A 496 16.81 -10.85 -13.51
N TRP A 497 16.58 -9.95 -12.57
CA TRP A 497 17.40 -9.82 -11.40
C TRP A 497 17.31 -11.09 -10.55
N ALA A 498 16.06 -11.57 -10.33
CA ALA A 498 15.84 -12.80 -9.57
C ALA A 498 16.47 -13.94 -10.25
N ALA A 499 16.37 -13.97 -11.59
CA ALA A 499 17.00 -15.12 -12.33
C ALA A 499 18.54 -15.12 -12.24
N ASP A 500 19.06 -13.91 -12.32
CA ASP A 500 20.51 -13.73 -12.28
C ASP A 500 21.02 -14.15 -10.94
N TYR A 501 20.26 -13.82 -9.89
CA TYR A 501 20.61 -14.02 -8.50
C TYR A 501 20.47 -15.49 -8.13
N VAL A 502 19.33 -16.09 -8.41
CA VAL A 502 19.19 -17.56 -8.23
C VAL A 502 20.31 -18.35 -8.86
N ALA A 503 20.68 -18.06 -10.10
CA ALA A 503 21.78 -18.79 -10.83
C ALA A 503 23.16 -18.69 -10.16
N VAL A 504 23.43 -17.62 -9.40
CA VAL A 504 24.67 -17.56 -8.60
C VAL A 504 24.71 -18.74 -7.63
N TYR A 505 23.57 -19.09 -7.03
CA TYR A 505 23.51 -20.05 -5.95
C TYR A 505 22.93 -21.45 -6.32
N TYR A 506 22.01 -21.49 -7.28
CA TYR A 506 21.33 -22.77 -7.60
C TYR A 506 21.71 -23.10 -9.04
N ALA A 507 22.51 -24.14 -9.18
CA ALA A 507 23.00 -24.58 -10.49
C ALA A 507 22.02 -25.46 -11.21
N SER A 508 21.03 -26.02 -10.51
CA SER A 508 20.12 -26.95 -11.13
C SER A 508 18.84 -26.91 -10.33
N ASP A 509 17.84 -27.63 -10.84
CA ASP A 509 16.59 -27.85 -10.13
C ASP A 509 16.80 -28.68 -8.88
N GLY A 510 17.73 -29.66 -8.95
CA GLY A 510 18.02 -30.44 -7.79
C GLY A 510 18.54 -29.63 -6.61
N ASP A 511 19.25 -28.50 -6.84
CA ASP A 511 19.77 -27.64 -5.74
C ASP A 511 18.58 -26.96 -5.07
N VAL A 512 17.52 -26.72 -5.85
CA VAL A 512 16.27 -26.13 -5.32
C VAL A 512 15.56 -27.17 -4.45
N THR A 513 15.42 -28.41 -4.94
CA THR A 513 14.65 -29.44 -4.16
C THR A 513 15.49 -30.03 -2.99
N ALA A 514 16.81 -29.86 -3.03
CA ALA A 514 17.65 -30.35 -1.95
C ALA A 514 17.80 -29.32 -0.82
N ASP A 515 17.24 -28.13 -1.02
CA ASP A 515 17.32 -27.04 -0.03
C ASP A 515 16.29 -27.13 1.08
N VAL A 516 16.67 -27.68 2.24
CA VAL A 516 15.74 -27.88 3.37
C VAL A 516 15.12 -26.61 4.01
N GLU A 517 15.87 -25.50 3.92
CA GLU A 517 15.39 -24.19 4.37
C GLU A 517 14.29 -23.68 3.46
N LEU A 518 14.53 -23.74 2.16
CA LEU A 518 13.53 -23.32 1.21
C LEU A 518 12.30 -24.21 1.36
N ALA A 519 12.48 -25.51 1.54
CA ALA A 519 11.28 -26.31 1.73
C ALA A 519 10.47 -26.01 3.01
N ALA A 520 11.15 -25.59 4.07
CA ALA A 520 10.51 -25.29 5.34
C ALA A 520 9.73 -23.99 5.20
N TRP A 521 10.34 -23.07 4.44
CA TRP A 521 9.75 -21.77 4.07
C TRP A 521 8.44 -21.99 3.32
N VAL A 522 8.48 -22.79 2.26
CA VAL A 522 7.25 -23.24 1.62
C VAL A 522 6.21 -23.81 2.59
N GLY A 523 6.58 -24.78 3.44
CA GLY A 523 5.67 -25.27 4.43
C GLY A 523 4.97 -24.25 5.29
N GLU A 524 5.75 -23.26 5.79
N GLU A 524 5.77 -23.27 5.70
CA GLU A 524 5.18 -22.17 6.63
CA GLU A 524 5.35 -22.24 6.62
C GLU A 524 4.33 -21.19 5.85
C GLU A 524 4.46 -21.16 5.90
N VAL A 525 4.76 -20.81 4.65
CA VAL A 525 3.94 -19.91 3.81
C VAL A 525 2.52 -20.50 3.62
N ILE A 526 2.43 -21.80 3.36
CA ILE A 526 1.13 -22.49 3.30
C ILE A 526 0.47 -22.63 4.68
N GLY A 527 1.20 -23.21 5.62
CA GLY A 527 0.66 -23.79 6.85
C GLY A 527 0.31 -22.75 7.90
N SER A 528 1.13 -21.68 7.92
CA SER A 528 1.04 -20.62 8.95
C SER A 528 0.67 -19.28 8.24
N GLY A 529 1.30 -19.06 7.07
CA GLY A 529 1.07 -17.84 6.29
C GLY A 529 -0.30 -17.86 5.59
N LYS A 530 -0.88 -19.04 5.40
CA LYS A 530 -2.16 -19.23 4.69
CA LYS A 530 -2.16 -19.21 4.72
C LYS A 530 -2.21 -18.45 3.40
N VAL A 531 -1.18 -18.61 2.56
CA VAL A 531 -1.08 -17.86 1.26
C VAL A 531 -1.70 -18.77 0.24
N ALA A 532 -2.94 -18.46 -0.15
CA ALA A 532 -3.71 -19.25 -1.16
C ALA A 532 -2.94 -19.48 -2.45
N GLY A 533 -3.01 -20.72 -2.91
CA GLY A 533 -2.42 -21.07 -4.17
C GLY A 533 -0.96 -21.38 -4.02
N PHE A 534 -0.38 -21.18 -2.82
CA PHE A 534 1.08 -21.43 -2.70
C PHE A 534 1.34 -22.96 -2.77
N ARG A 535 2.43 -23.37 -3.44
CA ARG A 535 2.67 -24.82 -3.66
C ARG A 535 4.14 -25.13 -3.56
N PRO A 536 4.47 -26.44 -3.41
CA PRO A 536 5.91 -26.80 -3.54
C PRO A 536 6.69 -26.18 -4.68
N ILE A 537 7.93 -25.82 -4.38
CA ILE A 537 8.77 -25.25 -5.40
C ILE A 537 9.82 -26.32 -5.78
N THR A 538 9.70 -26.72 -7.05
CA THR A 538 10.44 -27.89 -7.54
C THR A 538 11.50 -27.56 -8.59
N GLY A 539 11.73 -26.28 -8.93
CA GLY A 539 12.77 -25.94 -9.87
C GLY A 539 13.12 -24.45 -9.87
N ARG A 540 14.18 -24.12 -10.61
CA ARG A 540 14.70 -22.73 -10.68
C ARG A 540 13.76 -21.71 -11.32
N SER A 541 13.18 -22.03 -12.50
CA SER A 541 12.26 -21.13 -13.20
C SER A 541 11.11 -20.80 -12.23
N GLN A 542 10.55 -21.80 -11.53
CA GLN A 542 9.41 -21.53 -10.61
C GLN A 542 9.87 -20.66 -9.42
N LEU A 543 11.04 -20.99 -8.86
CA LEU A 543 11.62 -20.13 -7.81
C LEU A 543 11.73 -18.67 -8.24
N VAL A 544 12.27 -18.44 -9.45
CA VAL A 544 12.40 -17.10 -10.01
C VAL A 544 11.02 -16.37 -10.03
N GLU A 545 9.96 -17.05 -10.46
CA GLU A 545 8.65 -16.47 -10.56
C GLU A 545 8.11 -16.12 -9.19
N VAL A 546 8.24 -17.07 -8.25
CA VAL A 546 7.93 -16.84 -6.82
C VAL A 546 8.61 -15.60 -6.28
N LEU A 547 9.93 -15.47 -6.45
CA LEU A 547 10.66 -14.38 -5.85
C LEU A 547 10.30 -13.04 -6.50
N THR A 548 10.04 -13.13 -7.79
CA THR A 548 9.60 -11.97 -8.56
C THR A 548 8.30 -11.42 -8.01
N MET A 549 7.33 -12.28 -7.79
CA MET A 549 6.07 -11.95 -7.11
C MET A 549 6.30 -11.31 -5.70
N VAL A 550 7.18 -11.90 -4.88
CA VAL A 550 7.38 -11.49 -3.51
C VAL A 550 7.99 -10.07 -3.54
N ILE A 551 9.06 -9.93 -4.34
CA ILE A 551 9.75 -8.67 -4.50
C ILE A 551 8.81 -7.58 -5.09
N PHE A 552 8.14 -7.87 -6.18
CA PHE A 552 7.29 -6.90 -6.84
C PHE A 552 6.14 -6.43 -5.86
N THR A 553 5.56 -7.38 -5.16
CA THR A 553 4.44 -7.15 -4.26
C THR A 553 4.93 -6.15 -3.15
N ALA A 554 6.18 -6.34 -2.68
CA ALA A 554 6.72 -5.54 -1.54
C ALA A 554 7.02 -4.16 -1.98
N SER A 555 7.46 -4.06 -3.23
CA SER A 555 8.03 -2.85 -3.75
C SER A 555 7.08 -2.12 -4.70
N ALA A 556 7.04 -2.53 -5.94
CA ALA A 556 6.32 -1.80 -6.99
C ALA A 556 4.85 -1.86 -6.85
N GLN A 557 4.29 -3.00 -6.49
CA GLN A 557 2.80 -3.05 -6.40
C GLN A 557 2.36 -2.14 -5.31
N HIS A 558 2.98 -2.25 -4.15
CA HIS A 558 2.68 -1.34 -3.06
C HIS A 558 2.80 0.12 -3.49
N ALA A 559 3.92 0.45 -4.14
CA ALA A 559 4.11 1.85 -4.55
C ALA A 559 2.93 2.32 -5.43
N ALA A 560 2.52 1.45 -6.32
CA ALA A 560 1.54 1.79 -7.33
C ALA A 560 0.20 2.05 -6.73
N VAL A 561 -0.08 1.45 -5.60
CA VAL A 561 -1.40 1.56 -5.01
C VAL A 561 -1.43 2.43 -3.72
N ASN A 562 -0.26 2.70 -3.17
CA ASN A 562 -0.09 3.58 -1.97
C ASN A 562 0.22 5.01 -2.37
N PHE A 563 1.14 5.24 -3.31
CA PHE A 563 1.49 6.63 -3.59
C PHE A 563 0.48 7.51 -4.39
N PRO A 564 -0.55 6.92 -5.00
CA PRO A 564 -1.66 7.78 -5.42
C PRO A 564 -2.45 8.51 -4.35
N GLN A 565 -2.41 8.06 -3.11
CA GLN A 565 -3.37 8.52 -2.09
C GLN A 565 -3.34 10.06 -1.96
N PRO A 566 -2.17 10.69 -1.90
CA PRO A 566 -2.23 12.19 -1.68
C PRO A 566 -2.79 12.99 -2.86
N SER A 567 -2.48 12.60 -4.10
CA SER A 567 -2.95 13.36 -5.26
C SER A 567 -4.33 12.94 -5.72
N MET A 568 -4.78 11.73 -5.38
N MET A 568 -4.75 11.70 -5.43
CA MET A 568 -6.04 11.25 -5.94
CA MET A 568 -6.03 11.20 -5.96
C MET A 568 -7.14 11.04 -4.93
C MET A 568 -7.13 11.05 -4.92
N MET A 569 -6.80 10.87 -3.63
CA MET A 569 -7.83 10.46 -2.63
C MET A 569 -7.98 11.37 -1.39
N THR A 570 -7.36 12.55 -1.39
CA THR A 570 -7.39 13.41 -0.25
C THR A 570 -8.61 14.38 -0.23
N TYR A 571 -9.19 14.56 -1.39
CA TYR A 571 -10.38 15.42 -1.60
C TYR A 571 -11.67 14.56 -1.71
N ALA A 572 -12.52 14.72 -0.69
CA ALA A 572 -13.68 13.85 -0.47
C ALA A 572 -14.78 13.89 -1.52
N PRO A 573 -15.01 15.03 -2.19
CA PRO A 573 -15.98 15.03 -3.28
C PRO A 573 -15.58 14.26 -4.52
N ALA A 574 -14.29 13.97 -4.71
CA ALA A 574 -13.84 13.16 -5.81
C ALA A 574 -13.87 11.65 -5.54
N ILE A 575 -13.73 11.30 -4.28
CA ILE A 575 -13.78 9.91 -3.87
C ILE A 575 -13.85 9.84 -2.33
N CYS A 576 -14.68 8.92 -1.81
CA CYS A 576 -14.89 8.77 -0.29
C CYS A 576 -15.49 7.40 -0.14
N ALA A 577 -15.15 6.72 0.98
CA ALA A 577 -15.54 5.32 1.21
C ALA A 577 -16.88 5.28 1.94
N MET A 578 -17.55 6.42 2.01
CA MET A 578 -18.94 6.49 2.48
CA MET A 578 -18.93 6.47 2.48
C MET A 578 -19.62 7.65 1.81
N SER A 579 -20.92 7.49 1.63
CA SER A 579 -21.82 8.50 1.16
C SER A 579 -22.88 8.69 2.22
N ALA A 580 -23.35 9.94 2.36
CA ALA A 580 -24.40 10.30 3.36
C ALA A 580 -25.80 10.21 2.74
N ALA A 581 -25.87 9.71 1.52
CA ALA A 581 -27.15 9.45 0.94
C ALA A 581 -27.22 8.19 0.09
N PRO A 582 -28.42 7.61 -0.10
CA PRO A 582 -28.49 6.43 -0.92
C PRO A 582 -28.13 6.69 -2.36
N ALA A 583 -27.86 5.61 -3.08
CA ALA A 583 -27.67 5.71 -4.50
C ALA A 583 -28.87 6.45 -5.11
N PRO A 584 -28.66 7.13 -6.28
CA PRO A 584 -29.76 7.84 -6.96
C PRO A 584 -30.95 6.95 -7.30
N ASP A 585 -32.17 7.42 -7.06
CA ASP A 585 -33.29 6.55 -7.28
C ASP A 585 -33.80 6.49 -8.72
N SER A 586 -33.34 7.45 -9.53
CA SER A 586 -33.77 7.63 -10.92
C SER A 586 -32.65 8.37 -11.70
N PRO A 587 -32.44 8.02 -12.98
CA PRO A 587 -31.48 8.84 -13.73
C PRO A 587 -31.98 10.24 -13.98
N SER A 588 -33.27 10.50 -13.81
CA SER A 588 -33.81 11.78 -14.30
C SER A 588 -34.37 12.65 -13.19
N GLY A 589 -34.28 13.98 -13.32
CA GLY A 589 -34.84 14.91 -12.33
C GLY A 589 -34.03 15.20 -11.10
N LYS A 590 -32.80 14.68 -11.02
CA LYS A 590 -32.00 14.98 -9.85
C LYS A 590 -31.40 16.35 -9.99
N SER A 591 -31.00 16.85 -8.84
CA SER A 591 -30.38 18.14 -8.70
C SER A 591 -29.00 18.18 -8.09
N GLU A 592 -28.39 19.35 -8.20
CA GLU A 592 -27.16 19.63 -7.45
C GLU A 592 -27.29 19.33 -5.95
N ALA A 593 -28.39 19.78 -5.33
CA ALA A 593 -28.74 19.50 -3.94
C ALA A 593 -28.79 18.01 -3.59
N ASP A 594 -29.35 17.23 -4.48
CA ASP A 594 -29.44 15.80 -4.32
C ASP A 594 -28.02 15.19 -4.34
N TRP A 595 -27.17 15.66 -5.24
CA TRP A 595 -25.75 15.18 -5.30
C TRP A 595 -25.00 15.59 -4.04
N LEU A 596 -25.10 16.88 -3.66
CA LEU A 596 -24.44 17.37 -2.47
C LEU A 596 -24.81 16.60 -1.18
N LYS A 597 -26.05 16.14 -1.10
CA LYS A 597 -26.46 15.22 -0.06
C LYS A 597 -25.54 14.03 0.14
N MET A 598 -24.90 13.56 -0.93
CA MET A 598 -24.06 12.35 -0.84
C MET A 598 -22.70 12.64 -0.15
N MET A 599 -22.27 13.89 -0.14
CA MET A 599 -21.01 14.32 0.50
C MET A 599 -21.01 13.99 1.99
N PRO A 600 -19.84 13.57 2.50
CA PRO A 600 -19.74 13.00 3.81
C PRO A 600 -19.72 14.11 4.86
N PRO A 601 -19.93 13.75 6.13
CA PRO A 601 -19.68 14.74 7.16
C PRO A 601 -18.20 15.28 7.25
N THR A 602 -18.04 16.49 7.80
CA THR A 602 -16.74 17.12 7.83
C THR A 602 -15.63 16.35 8.54
N LEU A 603 -15.94 15.68 9.66
CA LEU A 603 -14.99 14.79 10.30
C LEU A 603 -14.35 13.76 9.35
N VAL A 604 -15.16 13.16 8.49
CA VAL A 604 -14.65 12.17 7.50
C VAL A 604 -13.60 12.86 6.62
N ALA A 605 -13.96 14.05 6.10
CA ALA A 605 -13.01 14.79 5.22
C ALA A 605 -11.73 15.23 5.94
N LEU A 606 -11.84 15.64 7.21
CA LEU A 606 -10.69 15.96 7.95
C LEU A 606 -9.73 14.75 8.13
N GLU A 607 -10.28 13.61 8.52
CA GLU A 607 -9.48 12.38 8.65
C GLU A 607 -8.82 11.94 7.38
N LYS A 608 -9.59 12.01 6.32
CA LYS A 608 -9.14 11.62 4.93
C LYS A 608 -7.93 12.37 4.46
N VAL A 609 -7.98 13.72 4.51
CA VAL A 609 -6.87 14.51 4.00
CA VAL A 609 -6.86 14.58 4.05
C VAL A 609 -5.57 14.22 4.80
N ASN A 610 -5.69 14.12 6.11
CA ASN A 610 -4.58 13.89 6.95
C ASN A 610 -4.02 12.47 6.79
N ILE A 611 -4.83 11.42 6.91
CA ILE A 611 -4.17 10.06 6.82
C ILE A 611 -3.64 9.82 5.40
N TYR A 612 -4.37 10.23 4.36
CA TYR A 612 -3.90 10.01 3.00
C TYR A 612 -2.70 10.86 2.57
N HIS A 613 -2.61 12.12 3.05
CA HIS A 613 -1.36 12.85 2.88
C HIS A 613 -0.21 12.08 3.49
N LEU A 614 -0.40 11.66 4.75
CA LEU A 614 0.64 10.95 5.48
C LEU A 614 1.14 9.67 4.75
N LEU A 615 0.20 8.78 4.45
CA LEU A 615 0.58 7.51 3.93
C LEU A 615 1.26 7.54 2.55
N GLY A 616 1.06 8.61 1.77
CA GLY A 616 1.71 8.75 0.52
C GLY A 616 2.85 9.72 0.50
N SER A 617 3.31 10.13 1.68
CA SER A 617 4.37 11.21 1.75
C SER A 617 5.67 10.68 2.38
N VAL A 618 5.70 9.38 2.69
CA VAL A 618 6.95 8.77 3.27
C VAL A 618 7.55 7.82 2.25
N TYR A 619 8.62 8.25 1.58
CA TYR A 619 9.36 7.38 0.69
C TYR A 619 10.66 6.98 1.33
N HIS A 620 10.71 5.73 1.83
CA HIS A 620 11.85 5.27 2.63
C HIS A 620 12.44 4.01 2.00
N GLY A 621 13.69 4.13 1.55
CA GLY A 621 14.31 3.07 0.74
C GLY A 621 13.99 3.22 -0.72
N ARG A 622 14.74 2.51 -1.57
CA ARG A 622 14.53 2.61 -3.02
C ARG A 622 14.83 1.27 -3.61
N LEU A 623 13.95 0.81 -4.49
CA LEU A 623 14.13 -0.47 -5.21
C LEU A 623 15.49 -0.53 -5.95
N GLY A 624 16.25 -1.60 -5.71
CA GLY A 624 17.55 -1.79 -6.37
C GLY A 624 18.72 -1.15 -5.65
N ASP A 625 18.49 -0.21 -4.73
CA ASP A 625 19.63 0.33 -3.99
C ASP A 625 20.48 -0.70 -3.23
N TYR A 626 19.77 -1.54 -2.50
CA TYR A 626 20.36 -2.56 -1.66
C TYR A 626 21.56 -2.06 -0.86
N ARG A 627 21.39 -0.92 -0.22
CA ARG A 627 22.15 -0.50 0.94
C ARG A 627 21.25 -0.40 2.18
N GLN A 628 21.85 -0.55 3.37
CA GLN A 628 21.10 -0.27 4.57
C GLN A 628 20.49 1.09 4.44
N THR A 629 19.27 1.27 4.93
CA THR A 629 18.58 2.60 4.90
C THR A 629 18.77 3.41 6.20
N GLY A 630 19.42 2.78 7.17
CA GLY A 630 19.91 3.41 8.38
C GLY A 630 21.41 3.34 8.48
N PHE A 631 21.96 4.17 9.36
CA PHE A 631 23.40 4.32 9.49
C PHE A 631 23.85 2.98 10.04
N PRO A 632 24.99 2.48 9.54
CA PRO A 632 26.02 3.01 8.61
C PRO A 632 25.81 2.89 7.13
N TYR A 633 24.59 2.56 6.71
CA TYR A 633 24.23 2.51 5.28
C TYR A 633 25.12 1.60 4.46
N ALA A 634 25.38 0.43 5.01
CA ALA A 634 26.27 -0.55 4.42
C ALA A 634 25.64 -1.26 3.25
N PRO A 635 26.47 -1.83 2.34
CA PRO A 635 25.89 -2.69 1.29
C PRO A 635 25.13 -3.89 1.85
N VAL A 636 24.03 -4.21 1.20
CA VAL A 636 23.29 -5.43 1.53
C VAL A 636 24.06 -6.70 1.20
N PHE A 637 24.70 -6.70 0.02
CA PHE A 637 25.35 -7.90 -0.54
C PHE A 637 26.87 -7.75 -0.37
N SER A 638 27.46 -8.74 0.28
CA SER A 638 28.95 -8.86 0.35
C SER A 638 29.52 -9.87 -0.63
N ASP A 639 28.69 -10.75 -1.16
CA ASP A 639 29.12 -11.73 -2.13
C ASP A 639 29.66 -11.00 -3.35
N ARG A 640 31.00 -11.05 -3.57
CA ARG A 640 31.53 -10.34 -4.72
C ARG A 640 30.98 -10.76 -6.09
N ARG A 641 30.43 -11.96 -6.20
CA ARG A 641 29.82 -12.37 -7.47
C ARG A 641 28.58 -11.54 -7.80
N VAL A 642 27.89 -11.12 -6.74
CA VAL A 642 26.62 -10.40 -6.83
C VAL A 642 27.01 -8.96 -7.12
N THR A 643 28.03 -8.44 -6.44
CA THR A 643 28.35 -6.99 -6.55
C THR A 643 29.40 -6.66 -7.62
N ALA A 644 29.89 -7.67 -8.34
CA ALA A 644 30.89 -7.49 -9.41
C ALA A 644 30.53 -6.38 -10.38
N SER A 645 31.55 -5.62 -10.82
CA SER A 645 31.34 -4.72 -11.93
C SER A 645 30.76 -5.47 -13.14
N GLY A 646 29.62 -4.96 -13.62
CA GLY A 646 28.87 -5.51 -14.75
C GLY A 646 28.03 -6.70 -14.36
N GLY A 647 27.96 -6.95 -13.06
CA GLY A 647 27.35 -8.18 -12.50
C GLY A 647 25.85 -8.02 -12.31
N PRO A 648 25.22 -9.02 -11.73
CA PRO A 648 23.74 -9.09 -11.56
C PRO A 648 23.15 -7.81 -10.90
N LEU A 649 23.71 -7.37 -9.79
CA LEU A 649 23.19 -6.16 -9.15
C LEU A 649 23.33 -4.92 -10.01
N GLU A 650 24.51 -4.72 -10.56
CA GLU A 650 24.68 -3.53 -11.42
C GLU A 650 23.79 -3.47 -12.62
N ARG A 651 23.57 -4.64 -13.22
CA ARG A 651 22.69 -4.74 -14.32
C ARG A 651 21.27 -4.41 -13.92
N PHE A 652 20.82 -4.94 -12.79
CA PHE A 652 19.48 -4.55 -12.32
C PHE A 652 19.39 -3.03 -12.08
N GLN A 653 20.41 -2.42 -11.50
CA GLN A 653 20.41 -0.97 -11.27
C GLN A 653 20.42 -0.17 -12.55
N ALA A 654 21.26 -0.58 -13.48
CA ALA A 654 21.23 -0.01 -14.84
C ALA A 654 19.86 -0.13 -15.56
N ARG A 655 19.25 -1.32 -15.51
CA ARG A 655 17.97 -1.58 -16.14
C ARG A 655 16.89 -0.73 -15.50
N LEU A 656 16.93 -0.53 -14.17
CA LEU A 656 15.89 0.37 -13.54
C LEU A 656 16.04 1.79 -14.07
N LYS A 657 17.28 2.19 -14.40
CA LYS A 657 17.46 3.55 -14.87
C LYS A 657 17.00 3.66 -16.32
N GLU A 658 17.11 2.58 -17.08
CA GLU A 658 16.60 2.56 -18.47
C GLU A 658 15.06 2.67 -18.40
N VAL A 659 14.47 1.95 -17.45
CA VAL A 659 13.00 1.97 -17.22
C VAL A 659 12.50 3.37 -16.92
N GLU A 660 13.14 4.04 -15.96
CA GLU A 660 12.90 5.44 -15.67
C GLU A 660 12.82 6.33 -16.93
N ALA A 661 13.79 6.14 -17.79
CA ALA A 661 13.88 7.00 -18.95
C ALA A 661 12.78 6.70 -19.95
N THR A 662 12.46 5.41 -20.15
CA THR A 662 11.33 5.01 -20.97
C THR A 662 10.04 5.49 -20.40
N ILE A 663 9.84 5.41 -19.07
CA ILE A 663 8.57 5.91 -18.54
C ILE A 663 8.46 7.41 -18.75
N ARG A 664 9.57 8.14 -18.53
CA ARG A 664 9.55 9.59 -18.66
C ARG A 664 9.17 9.98 -20.08
N THR A 665 9.70 9.26 -21.08
CA THR A 665 9.29 9.44 -22.50
C THR A 665 7.84 9.13 -22.77
N ARG A 666 7.37 8.00 -22.23
CA ARG A 666 5.94 7.67 -22.31
C ARG A 666 5.12 8.81 -21.74
N ASN A 667 5.56 9.37 -20.60
CA ASN A 667 4.73 10.37 -19.93
C ASN A 667 4.55 11.67 -20.75
N GLN A 668 5.53 12.00 -21.60
CA GLN A 668 5.38 13.13 -22.55
C GLN A 668 4.12 12.98 -23.44
N ALA A 669 3.82 11.76 -23.90
CA ALA A 669 2.66 11.54 -24.77
C ALA A 669 1.33 11.26 -24.04
N ARG A 670 1.35 11.00 -22.74
CA ARG A 670 0.09 10.67 -21.99
C ARG A 670 -0.77 11.90 -21.66
N ARG A 671 -2.06 11.71 -21.42
CA ARG A 671 -2.98 12.84 -21.02
C ARG A 671 -2.53 13.49 -19.73
N LYS A 672 -2.04 12.67 -18.81
CA LYS A 672 -1.44 13.13 -17.55
C LYS A 672 -0.22 12.22 -17.29
N PRO A 673 0.89 12.71 -16.70
CA PRO A 673 1.98 11.76 -16.31
C PRO A 673 1.47 10.73 -15.33
N TYR A 674 1.94 9.50 -15.46
CA TYR A 674 1.73 8.44 -14.48
C TYR A 674 3.14 8.15 -13.95
N GLU A 675 3.41 8.55 -12.71
CA GLU A 675 4.80 8.57 -12.21
C GLU A 675 4.99 7.63 -11.00
N TYR A 676 3.94 6.88 -10.64
CA TYR A 676 4.07 5.97 -9.48
C TYR A 676 5.01 4.80 -9.65
N LEU A 677 5.26 4.41 -10.90
CA LEU A 677 6.17 3.31 -11.17
C LEU A 677 7.51 3.72 -11.73
N LEU A 678 7.80 5.03 -11.72
CA LEU A 678 9.20 5.41 -11.84
C LEU A 678 10.04 4.77 -10.78
N PRO A 679 11.11 4.04 -11.18
CA PRO A 679 11.85 3.30 -10.17
C PRO A 679 12.40 4.29 -9.09
N SER A 680 12.63 5.56 -9.43
CA SER A 680 13.07 6.50 -8.40
C SER A 680 12.09 6.84 -7.26
N ARG A 681 10.86 6.36 -7.44
CA ARG A 681 9.83 6.63 -6.49
C ARG A 681 9.32 5.36 -5.90
N ILE A 682 9.96 4.22 -6.25
CA ILE A 682 9.50 2.91 -5.71
C ILE A 682 10.38 2.43 -4.51
N PRO A 683 9.82 2.39 -3.27
CA PRO A 683 10.61 1.93 -2.12
C PRO A 683 10.85 0.43 -2.29
N ALA A 684 11.91 -0.09 -1.69
CA ALA A 684 12.13 -1.50 -1.70
C ALA A 684 11.19 -2.29 -0.90
N SER A 685 10.54 -1.67 0.09
CA SER A 685 9.68 -2.39 1.00
C SER A 685 8.35 -1.64 1.16
N THR A 686 7.40 -2.35 1.74
CA THR A 686 6.08 -1.76 2.22
C THR A 686 6.25 -1.33 3.70
N ASN A 687 6.46 -0.08 3.93
CA ASN A 687 6.74 0.49 5.30
C ASN A 687 5.93 1.73 5.65
N ILE A 688 4.97 2.07 4.80
CA ILE A 688 4.04 3.19 5.07
CA ILE A 688 4.02 3.15 5.11
C ILE A 688 2.65 2.89 4.54
FE FE2 B . 0.78 1.37 2.24
P 8PE C . 1.95 3.86 19.93
N 8PE C . -1.71 0.90 19.97
O11 8PE C . 2.52 4.44 18.46
O12 8PE C . 2.97 3.95 20.94
O13 8PE C . 1.69 2.36 19.65
O14 8PE C . 0.62 4.47 20.12
C11 8PE C . 0.29 2.19 19.95
C12 8PE C . -0.29 0.86 19.57
C1 8PE C . 3.07 5.76 18.50
C2 8PE C . 2.72 6.49 17.22
C3 8PE C . 3.27 5.72 16.03
O31 8PE C . 3.56 6.71 15.02
O32 8PE C . 5.12 5.33 14.19
C31 8PE C . 4.22 6.16 14.02
C32 8PE C . 3.59 6.45 12.67
C33 8PE C . 2.32 5.59 12.62
C34 8PE C . 1.95 5.24 11.17
C35 8PE C . 0.53 5.73 10.87
C36 8PE C . -0.49 4.82 11.44
C37 8PE C . -0.43 3.43 10.84
C38 8PE C . -0.61 3.44 9.31
C39 8PE C . -0.81 2.02 8.79
C3A 8PE C . -0.98 2.09 7.28
C3B 8PE C . -1.06 0.72 6.62
C3C 8PE C . -2.03 0.23 5.92
C3D 8PE C . -3.38 0.87 5.91
C3E 8PE C . -4.02 0.94 4.59
C3F 8PE C . -5.53 1.35 4.66
C3G 8PE C . -5.74 2.76 5.17
C3H 8PE C . -7.22 3.28 5.01
C3I 8PE C . -7.37 4.64 5.63
O21 8PE C . 1.29 6.61 17.12
O22 8PE C . 1.35 8.87 16.75
C21 8PE C . 0.79 7.79 16.64
C22 8PE C . -0.60 7.72 15.99
C23 8PE C . -0.46 8.08 14.50
C24 8PE C . -1.64 8.89 13.96
C25 8PE C . -1.21 9.43 12.59
C26 8PE C . -2.38 9.74 11.66
C27 8PE C . -2.14 11.04 10.87
C28 8PE C . -2.62 12.21 11.74
C29 8PE C . -1.96 13.59 11.44
C2A 8PE C . -2.47 14.52 12.54
C2B 8PE C . -3.29 15.69 11.98
C2C 8PE C . -4.35 16.13 12.98
#